data_1YRS
#
_entry.id   1YRS
#
_cell.length_a   69.3
_cell.length_b   79.8
_cell.length_c   159.6
_cell.angle_alpha   90.0
_cell.angle_beta   90.0
_cell.angle_gamma   90.0
#
_symmetry.space_group_name_H-M   'P 21 21 21'
#
loop_
_entity.id
_entity.type
_entity.pdbx_description
1 polymer 'Kinesin-like protein KIF11'
2 non-polymer 'MAGNESIUM ION'
3 non-polymer "ADENOSINE-5'-DIPHOSPHATE"
4 non-polymer 3-[(5S)-1-ACETYL-3-(2-CHLOROPHENYL)-4,5-DIHYDRO-1H-PYRAZOL-5-YL]PHENOL
5 water water
#
_entity_poly.entity_id   1
_entity_poly.type   'polypeptide(L)'
_entity_poly.pdbx_seq_one_letter_code
;MASQPNSSAKKKEEKGKNIQVVVRCRPFNLAERKASAHSIVECDPVRKEVSVRTGGLADKSSRKTYTFDMVFGASTKQID
VYRSVVCPILDEVIMGYNCTIFAYGQTGTGKTFTMEGERSPNEEYTWEEDPLAGIIPRTLHQIFEKLTDNGTEFSVKVSL
LEIYNEELFDLLNPSSDVSERLQMFDDPRNKRGVIIKGLEEITVHNKDEVYQILEKGAAKRTTAATLMNAYSSRSHSVFS
VTIHMKETTIDGEELVKIGKLNLVDLAGSENIGRSGAVDKRAREAGNINQSLLTLGRVITALVERTPHVPYRESKLTRIL
QDSLGGRTRTSIIATISPASLNLEETLSTLEYAHRAKNILNKPEVNQK
;
_entity_poly.pdbx_strand_id   A,B
#
# COMPACT_ATOMS: atom_id res chain seq x y z
N ASN A 18 16.36 3.73 19.73
CA ASN A 18 17.12 4.96 19.39
C ASN A 18 16.20 6.15 19.09
N ILE A 19 15.20 5.97 18.23
CA ILE A 19 14.27 7.06 17.94
C ILE A 19 13.49 7.35 19.23
N GLN A 20 13.45 8.61 19.64
CA GLN A 20 12.76 8.96 20.86
C GLN A 20 11.27 9.20 20.65
N VAL A 21 10.46 8.55 21.47
CA VAL A 21 8.99 8.64 21.39
C VAL A 21 8.37 9.09 22.71
N VAL A 22 7.47 10.07 22.64
CA VAL A 22 6.79 10.58 23.83
C VAL A 22 5.29 10.67 23.64
N VAL A 23 4.57 10.59 24.74
CA VAL A 23 3.11 10.63 24.74
C VAL A 23 2.53 11.87 25.42
N ARG A 24 1.61 12.55 24.75
CA ARG A 24 0.98 13.70 25.37
C ARG A 24 -0.51 13.41 25.42
N CYS A 25 -1.08 13.45 26.62
CA CYS A 25 -2.50 13.20 26.81
C CYS A 25 -3.09 14.57 26.98
N ARG A 26 -4.22 14.81 26.32
CA ARG A 26 -4.87 16.11 26.43
C ARG A 26 -5.92 16.06 27.52
N PRO A 27 -6.19 17.20 28.17
CA PRO A 27 -7.20 17.19 29.22
C PRO A 27 -8.59 17.18 28.61
N PHE A 28 -9.58 16.90 29.45
CA PHE A 28 -10.98 16.90 29.01
C PHE A 28 -11.40 18.30 28.54
N ASN A 29 -12.40 18.36 27.65
CA ASN A 29 -12.88 19.65 27.18
C ASN A 29 -14.10 20.03 28.02
N LEU A 30 -14.62 21.24 27.83
CA LEU A 30 -15.79 21.70 28.58
C LEU A 30 -16.92 20.67 28.56
N ALA A 31 -17.35 20.29 27.36
CA ALA A 31 -18.43 19.33 27.16
C ALA A 31 -18.22 17.99 27.87
N GLU A 32 -16.96 17.61 28.04
CA GLU A 32 -16.62 16.36 28.71
C GLU A 32 -16.71 16.49 30.22
N ARG A 33 -16.38 17.68 30.72
CA ARG A 33 -16.43 17.96 32.15
C ARG A 33 -17.86 17.90 32.69
N LYS A 34 -18.75 18.63 32.03
CA LYS A 34 -20.16 18.68 32.42
C LYS A 34 -20.84 17.31 32.38
N ALA A 35 -20.18 16.34 31.75
CA ALA A 35 -20.71 14.99 31.63
C ALA A 35 -20.10 14.04 32.66
N SER A 36 -19.38 14.62 33.64
CA SER A 36 -18.74 13.83 34.68
C SER A 36 -17.83 12.78 34.07
N ALA A 37 -16.95 13.22 33.17
CA ALA A 37 -16.02 12.32 32.49
C ALA A 37 -15.04 11.63 33.45
N HIS A 38 -14.86 10.33 33.23
CA HIS A 38 -13.97 9.49 34.03
C HIS A 38 -12.79 9.04 33.16
N SER A 39 -11.65 9.70 33.29
CA SER A 39 -10.47 9.37 32.49
C SER A 39 -9.96 7.94 32.65
N ILE A 40 -9.90 7.22 31.52
CA ILE A 40 -9.42 5.85 31.51
C ILE A 40 -7.92 5.80 31.33
N VAL A 41 -7.27 6.96 31.35
CA VAL A 41 -5.83 7.06 31.18
C VAL A 41 -5.12 7.66 32.40
N GLU A 42 -3.93 7.15 32.70
CA GLU A 42 -3.12 7.65 33.83
C GLU A 42 -1.66 7.81 33.42
N CYS A 43 -1.09 8.96 33.73
CA CYS A 43 0.29 9.22 33.37
C CYS A 43 1.21 9.35 34.58
N ASP A 44 2.44 8.85 34.41
CA ASP A 44 3.45 8.86 35.45
C ASP A 44 4.76 9.38 34.86
N PRO A 45 4.89 10.70 34.71
CA PRO A 45 6.09 11.31 34.14
C PRO A 45 7.38 10.77 34.73
N VAL A 46 7.45 10.71 36.05
CA VAL A 46 8.64 10.22 36.72
C VAL A 46 9.02 8.82 36.26
N ARG A 47 8.04 7.93 36.19
CA ARG A 47 8.30 6.57 35.76
C ARG A 47 8.22 6.37 34.24
N LYS A 48 8.02 7.45 33.50
CA LYS A 48 7.94 7.38 32.04
C LYS A 48 6.91 6.32 31.64
N GLU A 49 5.76 6.32 32.29
CA GLU A 49 4.75 5.32 32.01
C GLU A 49 3.33 5.87 31.79
N VAL A 50 2.57 5.19 30.94
CA VAL A 50 1.20 5.60 30.70
C VAL A 50 0.36 4.34 30.89
N SER A 51 -0.72 4.45 31.66
CA SER A 51 -1.58 3.31 31.96
C SER A 51 -3.02 3.53 31.48
N VAL A 52 -3.59 2.53 30.82
CA VAL A 52 -4.94 2.63 30.30
C VAL A 52 -5.87 1.52 30.81
N ARG A 53 -7.04 1.92 31.28
CA ARG A 53 -8.05 1.01 31.78
C ARG A 53 -8.81 0.41 30.60
N THR A 54 -8.53 -0.85 30.30
CA THR A 54 -9.16 -1.55 29.19
C THR A 54 -10.49 -2.18 29.57
N GLY A 55 -10.56 -2.79 30.75
CA GLY A 55 -11.77 -3.42 31.19
C GLY A 55 -12.84 -2.44 31.61
N GLY A 56 -12.57 -1.69 32.68
CA GLY A 56 -13.52 -0.71 33.17
C GLY A 56 -13.81 -0.86 34.65
N LEU A 57 -14.08 0.27 35.30
CA LEU A 57 -14.40 0.38 36.73
C LEU A 57 -13.18 0.66 37.62
N ALA A 58 -13.18 1.84 38.25
CA ALA A 58 -12.09 2.26 39.14
C ALA A 58 -12.10 1.47 40.44
N ASP A 59 -13.20 0.76 40.70
CA ASP A 59 -13.34 -0.06 41.89
C ASP A 59 -12.55 -1.35 41.65
N LYS A 60 -12.70 -1.87 40.44
CA LYS A 60 -12.04 -3.10 40.02
C LYS A 60 -11.86 -3.03 38.50
N SER A 61 -10.65 -3.28 37.99
CA SER A 61 -10.45 -3.20 36.55
C SER A 61 -9.13 -3.72 36.01
N SER A 62 -9.15 -4.05 34.72
CA SER A 62 -7.96 -4.52 34.04
C SER A 62 -7.35 -3.30 33.35
N ARG A 63 -6.04 -3.30 33.17
CA ARG A 63 -5.36 -2.18 32.54
C ARG A 63 -4.20 -2.63 31.66
N LYS A 64 -3.82 -1.74 30.74
CA LYS A 64 -2.70 -1.97 29.82
C LYS A 64 -1.66 -0.89 30.12
N THR A 65 -0.41 -1.27 30.27
CA THR A 65 0.67 -0.33 30.59
C THR A 65 1.76 -0.25 29.52
N TYR A 66 2.33 0.95 29.36
CA TYR A 66 3.41 1.14 28.38
C TYR A 66 4.45 2.12 28.89
N THR A 67 5.70 1.92 28.48
CA THR A 67 6.78 2.82 28.87
C THR A 67 7.35 3.53 27.64
N PHE A 68 7.62 4.82 27.76
CA PHE A 68 8.18 5.62 26.67
C PHE A 68 9.28 6.51 27.20
N ASP A 69 10.05 7.08 26.28
CA ASP A 69 11.14 7.96 26.63
C ASP A 69 10.69 9.13 27.52
N MET A 70 9.44 9.55 27.37
CA MET A 70 8.85 10.64 28.15
C MET A 70 7.34 10.57 28.08
N VAL A 71 6.68 10.95 29.17
CA VAL A 71 5.22 10.94 29.21
C VAL A 71 4.75 12.27 29.77
N PHE A 72 3.64 12.77 29.23
CA PHE A 72 3.07 14.05 29.65
C PHE A 72 1.58 13.89 29.81
N GLY A 73 1.08 14.26 30.99
CA GLY A 73 -0.34 14.14 31.25
C GLY A 73 -1.09 15.39 30.86
N ALA A 74 -2.38 15.40 31.12
CA ALA A 74 -3.23 16.53 30.77
C ALA A 74 -2.82 17.87 31.40
N SER A 75 -2.17 17.84 32.56
CA SER A 75 -1.76 19.06 33.22
C SER A 75 -0.58 19.75 32.54
N THR A 76 -0.04 19.10 31.51
CA THR A 76 1.12 19.61 30.78
C THR A 76 0.82 20.83 29.90
N LYS A 77 1.57 21.92 30.10
CA LYS A 77 1.39 23.11 29.28
C LYS A 77 2.41 23.15 28.14
N GLN A 78 2.13 23.97 27.13
CA GLN A 78 3.00 24.11 25.96
C GLN A 78 4.47 24.33 26.37
N ILE A 79 4.67 25.18 27.37
CA ILE A 79 6.00 25.52 27.86
C ILE A 79 6.76 24.30 28.40
N ASP A 80 6.05 23.36 29.01
CA ASP A 80 6.72 22.16 29.53
C ASP A 80 7.15 21.31 28.33
N VAL A 81 6.30 21.24 27.32
CA VAL A 81 6.62 20.45 26.13
C VAL A 81 7.85 21.01 25.44
N TYR A 82 7.91 22.34 25.31
CA TYR A 82 9.03 22.98 24.64
C TYR A 82 10.36 22.84 25.38
N ARG A 83 10.36 23.14 26.68
CA ARG A 83 11.57 23.04 27.49
C ARG A 83 12.10 21.60 27.53
N SER A 84 11.19 20.64 27.56
CA SER A 84 11.56 19.22 27.63
C SER A 84 12.00 18.54 26.35
N VAL A 85 11.15 18.56 25.31
CA VAL A 85 11.53 17.89 24.07
C VAL A 85 12.18 18.78 23.02
N VAL A 86 11.55 19.92 22.70
CA VAL A 86 12.01 20.84 21.67
C VAL A 86 13.34 21.58 21.89
N CYS A 87 13.55 22.14 23.08
CA CYS A 87 14.79 22.87 23.35
C CYS A 87 16.06 22.07 23.05
N PRO A 88 16.14 20.81 23.53
CA PRO A 88 17.34 20.02 23.26
C PRO A 88 17.55 19.69 21.77
N ILE A 89 16.46 19.38 21.07
CA ILE A 89 16.55 19.04 19.65
C ILE A 89 16.90 20.28 18.83
N LEU A 90 16.44 21.45 19.26
CA LEU A 90 16.78 22.67 18.53
C LEU A 90 18.27 22.93 18.67
N ASP A 91 18.81 22.81 19.88
CA ASP A 91 20.23 23.04 20.09
C ASP A 91 21.04 22.14 19.14
N GLU A 92 20.52 20.95 18.87
CA GLU A 92 21.22 20.07 17.95
C GLU A 92 21.16 20.66 16.55
N VAL A 93 19.99 21.16 16.17
CA VAL A 93 19.81 21.76 14.85
C VAL A 93 20.80 22.92 14.66
N ILE A 94 21.02 23.70 15.72
CA ILE A 94 21.96 24.82 15.65
C ILE A 94 23.39 24.29 15.45
N MET A 95 23.69 23.13 16.06
CA MET A 95 25.01 22.54 15.91
C MET A 95 25.32 22.10 14.48
N GLY A 96 24.28 22.03 13.63
CA GLY A 96 24.48 21.64 12.25
C GLY A 96 23.84 20.31 11.86
N TYR A 97 22.94 19.85 12.71
CA TYR A 97 22.26 18.58 12.49
C TYR A 97 20.86 18.72 11.89
N ASN A 98 20.33 17.62 11.37
CA ASN A 98 18.98 17.60 10.83
C ASN A 98 18.13 16.89 11.86
N CYS A 99 17.01 17.51 12.20
CA CYS A 99 16.11 16.93 13.17
C CYS A 99 14.67 17.01 12.67
N THR A 100 13.88 16.00 13.02
CA THR A 100 12.48 15.92 12.66
C THR A 100 11.66 15.54 13.90
N ILE A 101 10.45 16.06 14.00
CA ILE A 101 9.57 15.73 15.10
C ILE A 101 8.18 15.48 14.54
N PHE A 102 7.68 14.27 14.74
CA PHE A 102 6.36 13.89 14.28
C PHE A 102 5.32 14.00 15.39
N ALA A 103 4.08 14.31 15.02
CA ALA A 103 2.97 14.34 15.96
C ALA A 103 2.05 13.26 15.37
N TYR A 104 1.69 12.26 16.19
CA TYR A 104 0.87 11.15 15.73
C TYR A 104 -0.32 10.88 16.64
N GLY A 105 -1.44 10.51 16.01
CA GLY A 105 -2.61 10.22 16.80
C GLY A 105 -3.91 10.55 16.13
N GLN A 106 -4.98 10.12 16.77
CA GLN A 106 -6.32 10.32 16.29
C GLN A 106 -6.65 11.82 16.25
N THR A 107 -7.57 12.16 15.36
CA THR A 107 -8.04 13.53 15.20
C THR A 107 -8.71 13.94 16.50
N GLY A 108 -8.37 15.14 17.01
CA GLY A 108 -8.98 15.63 18.22
C GLY A 108 -8.21 15.34 19.50
N THR A 109 -6.97 14.86 19.37
CA THR A 109 -6.15 14.54 20.53
C THR A 109 -5.05 15.54 20.83
N GLY A 110 -4.71 16.41 19.87
CA GLY A 110 -3.69 17.41 20.14
C GLY A 110 -2.55 17.56 19.17
N LYS A 111 -2.58 16.86 18.04
CA LYS A 111 -1.50 16.96 17.07
C LYS A 111 -1.21 18.41 16.66
N THR A 112 -2.23 19.15 16.24
CA THR A 112 -2.04 20.54 15.84
C THR A 112 -1.76 21.46 17.04
N PHE A 113 -2.40 21.17 18.16
CA PHE A 113 -2.20 21.96 19.37
C PHE A 113 -0.73 21.88 19.81
N THR A 114 -0.13 20.71 19.65
CA THR A 114 1.23 20.55 20.06
C THR A 114 2.15 21.19 19.05
N MET A 115 1.99 20.82 17.78
CA MET A 115 2.84 21.35 16.73
C MET A 115 2.75 22.85 16.47
N GLU A 116 1.54 23.39 16.35
CA GLU A 116 1.39 24.83 16.07
C GLU A 116 0.97 25.67 17.26
N GLY A 117 0.00 25.18 18.03
CA GLY A 117 -0.49 25.94 19.16
C GLY A 117 -1.71 26.75 18.77
N GLU A 118 -2.20 27.59 19.68
CA GLU A 118 -3.38 28.41 19.43
C GLU A 118 -3.20 29.81 20.02
N ARG A 119 -4.23 30.63 19.89
CA ARG A 119 -4.17 31.98 20.42
C ARG A 119 -5.08 32.01 21.65
N SER A 120 -4.67 32.76 22.67
CA SER A 120 -5.51 32.88 23.85
C SER A 120 -6.59 33.85 23.43
N PRO A 121 -7.81 33.65 23.94
CA PRO A 121 -8.96 34.52 23.62
C PRO A 121 -8.78 36.01 23.93
N ASN A 122 -9.52 36.84 23.19
CA ASN A 122 -9.56 38.29 23.40
C ASN A 122 -8.29 39.12 23.24
N GLU A 123 -7.36 38.69 22.40
CA GLU A 123 -6.12 39.45 22.21
C GLU A 123 -5.46 39.77 23.55
N GLU A 124 -5.33 38.74 24.39
CA GLU A 124 -4.73 38.89 25.70
C GLU A 124 -3.21 38.98 25.64
N TYR A 125 -2.59 38.33 24.66
CA TYR A 125 -1.13 38.37 24.56
C TYR A 125 -0.64 38.64 23.14
N THR A 126 0.64 39.02 23.07
CA THR A 126 1.28 39.23 21.77
C THR A 126 1.56 37.76 21.41
N TRP A 127 1.78 37.48 20.14
CA TRP A 127 2.02 36.10 19.72
C TRP A 127 3.22 35.42 20.39
N GLU A 128 4.28 36.18 20.65
CA GLU A 128 5.50 35.63 21.25
C GLU A 128 5.42 35.38 22.75
N GLU A 129 4.28 35.69 23.36
CA GLU A 129 4.12 35.47 24.80
C GLU A 129 2.86 34.69 25.07
N ASP A 130 2.16 34.31 24.01
CA ASP A 130 0.93 33.56 24.17
C ASP A 130 1.26 32.17 24.72
N PRO A 131 0.84 31.90 25.95
CA PRO A 131 1.11 30.60 26.57
C PRO A 131 0.56 29.40 25.79
N LEU A 132 -0.47 29.63 24.98
CA LEU A 132 -1.04 28.54 24.19
C LEU A 132 -0.27 28.25 22.91
N ALA A 133 0.77 29.03 22.63
CA ALA A 133 1.56 28.80 21.43
C ALA A 133 2.25 27.43 21.46
N GLY A 134 2.36 26.81 20.28
CA GLY A 134 2.98 25.50 20.16
C GLY A 134 4.45 25.54 19.78
N ILE A 135 4.93 24.41 19.26
CA ILE A 135 6.33 24.25 18.87
C ILE A 135 6.85 25.17 17.78
N ILE A 136 6.15 25.24 16.64
CA ILE A 136 6.57 26.10 15.55
C ILE A 136 6.85 27.55 15.95
N PRO A 137 5.83 28.29 16.40
CA PRO A 137 6.11 29.68 16.79
C PRO A 137 7.16 29.88 17.87
N ARG A 138 7.23 28.98 18.84
CA ARG A 138 8.23 29.11 19.91
C ARG A 138 9.64 28.91 19.35
N THR A 139 9.77 27.93 18.46
CA THR A 139 11.05 27.65 17.85
C THR A 139 11.56 28.80 16.97
N LEU A 140 10.70 29.33 16.11
CA LEU A 140 11.10 30.43 15.23
C LEU A 140 11.50 31.63 16.04
N HIS A 141 10.80 31.83 17.16
CA HIS A 141 11.09 32.94 18.05
C HIS A 141 12.39 32.70 18.81
N GLN A 142 12.69 31.44 19.14
CA GLN A 142 13.92 31.13 19.88
C GLN A 142 15.18 31.14 19.04
N ILE A 143 15.07 30.70 17.78
CA ILE A 143 16.22 30.68 16.89
C ILE A 143 16.85 32.08 16.89
N PHE A 144 15.99 33.09 16.77
CA PHE A 144 16.42 34.49 16.75
C PHE A 144 16.89 34.87 18.14
N GLU A 145 16.29 34.25 19.15
CA GLU A 145 16.63 34.52 20.55
C GLU A 145 18.02 34.00 20.89
N LYS A 146 18.44 32.92 20.25
CA LYS A 146 19.74 32.33 20.51
C LYS A 146 20.87 32.93 19.66
N LEU A 147 20.83 32.67 18.36
CA LEU A 147 21.85 33.16 17.41
C LEU A 147 22.12 34.67 17.45
N THR A 148 21.11 35.47 17.77
CA THR A 148 21.28 36.91 17.84
C THR A 148 22.13 37.31 19.03
N ASP A 149 21.84 36.74 20.20
CA ASP A 149 22.60 37.03 21.42
C ASP A 149 24.10 36.93 21.18
N ASN A 150 24.61 35.70 21.05
CA ASN A 150 26.03 35.50 20.79
C ASN A 150 26.31 36.05 19.39
N GLY A 151 27.57 36.01 18.97
CA GLY A 151 27.91 36.53 17.65
C GLY A 151 27.77 35.52 16.53
N THR A 152 26.61 35.50 15.87
CA THR A 152 26.40 34.58 14.76
C THR A 152 25.62 35.18 13.59
N GLU A 153 26.23 35.17 12.41
CA GLU A 153 25.58 35.65 11.20
C GLU A 153 24.74 34.43 10.79
N PHE A 154 23.45 34.64 10.54
CA PHE A 154 22.58 33.52 10.20
C PHE A 154 21.40 33.91 9.32
N SER A 155 20.88 32.94 8.60
CA SER A 155 19.71 33.17 7.76
C SER A 155 18.69 32.09 8.04
N VAL A 156 17.43 32.49 8.19
CA VAL A 156 16.36 31.55 8.46
C VAL A 156 15.42 31.50 7.26
N LYS A 157 15.12 30.28 6.81
CA LYS A 157 14.21 30.04 5.70
C LYS A 157 13.21 28.98 6.15
N VAL A 158 11.94 29.25 5.95
CA VAL A 158 10.91 28.28 6.31
C VAL A 158 10.19 27.76 5.09
N SER A 159 9.50 26.66 5.27
CA SER A 159 8.76 26.05 4.18
C SER A 159 7.64 25.20 4.78
N LEU A 160 6.50 25.18 4.10
CA LEU A 160 5.34 24.43 4.54
C LEU A 160 4.77 23.62 3.40
N LEU A 161 5.15 22.34 3.38
CA LEU A 161 4.71 21.42 2.34
C LEU A 161 3.64 20.51 2.91
N GLU A 162 2.50 20.42 2.22
CA GLU A 162 1.44 19.59 2.72
C GLU A 162 0.97 18.57 1.69
N ILE A 163 0.70 17.36 2.18
CA ILE A 163 0.27 16.25 1.32
C ILE A 163 -1.19 15.88 1.53
N TYR A 164 -1.93 15.84 0.44
CA TYR A 164 -3.33 15.49 0.49
C TYR A 164 -3.58 14.55 -0.68
N ASN A 165 -4.17 13.40 -0.39
CA ASN A 165 -4.46 12.39 -1.39
C ASN A 165 -3.29 12.22 -2.36
N GLU A 166 -2.07 12.17 -1.79
CA GLU A 166 -0.83 11.99 -2.54
C GLU A 166 -0.40 13.11 -3.50
N GLU A 167 -0.89 14.33 -3.26
CA GLU A 167 -0.52 15.48 -4.07
C GLU A 167 0.13 16.51 -3.16
N LEU A 168 1.19 17.15 -3.64
CA LEU A 168 1.90 18.14 -2.84
C LEU A 168 1.32 19.54 -3.00
N PHE A 169 1.30 20.27 -1.89
CA PHE A 169 0.79 21.62 -1.91
C PHE A 169 1.76 22.51 -1.14
N ASP A 170 1.84 23.75 -1.56
CA ASP A 170 2.70 24.73 -0.93
C ASP A 170 1.73 25.69 -0.26
N LEU A 171 1.73 25.70 1.07
CA LEU A 171 0.82 26.56 1.83
C LEU A 171 1.42 27.88 2.28
N LEU A 172 2.54 28.28 1.70
CA LEU A 172 3.13 29.55 2.08
C LEU A 172 3.35 30.50 0.91
N ASN A 173 3.33 29.98 -0.32
CA ASN A 173 3.54 30.82 -1.51
C ASN A 173 2.32 31.72 -1.77
N PRO A 174 2.49 33.04 -1.65
CA PRO A 174 1.38 33.97 -1.88
C PRO A 174 1.36 34.56 -3.30
N SER A 175 1.33 33.69 -4.30
CA SER A 175 1.29 34.11 -5.70
C SER A 175 0.81 32.96 -6.58
N SER A 176 0.20 31.99 -5.90
CA SER A 176 -0.37 30.81 -6.53
C SER A 176 -1.36 30.27 -5.51
N ASP A 177 -2.50 29.75 -5.97
CA ASP A 177 -3.48 29.21 -5.03
C ASP A 177 -3.20 27.74 -4.77
N VAL A 178 -4.01 27.13 -3.90
CA VAL A 178 -3.83 25.73 -3.53
C VAL A 178 -4.52 24.72 -4.46
N SER A 179 -4.55 25.03 -5.75
CA SER A 179 -5.13 24.13 -6.73
C SER A 179 -3.98 23.58 -7.51
N GLU A 180 -2.85 24.27 -7.40
CA GLU A 180 -1.64 23.90 -8.11
C GLU A 180 -0.77 22.99 -7.26
N ARG A 181 -0.74 21.71 -7.63
CA ARG A 181 0.03 20.71 -6.92
C ARG A 181 1.44 20.66 -7.48
N LEU A 182 2.43 20.71 -6.60
CA LEU A 182 3.83 20.67 -6.99
C LEU A 182 4.20 19.28 -7.51
N GLN A 183 5.32 19.19 -8.22
CA GLN A 183 5.82 17.92 -8.74
C GLN A 183 7.05 17.50 -7.95
N MET A 184 7.21 16.19 -7.78
CA MET A 184 8.31 15.64 -7.00
C MET A 184 9.19 14.69 -7.85
N PHE A 185 10.51 14.87 -7.76
CA PHE A 185 11.46 14.05 -8.51
C PHE A 185 12.54 13.50 -7.57
N ASP A 186 13.33 12.57 -8.10
CA ASP A 186 14.43 11.99 -7.32
C ASP A 186 15.61 12.92 -7.49
N ASP A 187 16.34 13.20 -6.41
CA ASP A 187 17.48 14.09 -6.52
C ASP A 187 18.69 13.29 -7.01
N PRO A 188 19.16 13.57 -8.24
CA PRO A 188 20.30 12.86 -8.83
C PRO A 188 21.60 12.98 -8.05
N ARG A 189 21.79 14.12 -7.37
CA ARG A 189 22.99 14.33 -6.59
C ARG A 189 23.04 13.35 -5.40
N ASN A 190 22.39 13.69 -4.30
CA ASN A 190 22.37 12.82 -3.13
C ASN A 190 21.18 11.84 -3.12
N LYS A 191 21.50 10.55 -3.25
CA LYS A 191 20.50 9.48 -3.28
C LYS A 191 19.52 9.52 -2.10
N ARG A 192 18.42 8.79 -2.22
CA ARG A 192 17.38 8.73 -1.20
C ARG A 192 16.97 10.12 -0.71
N GLY A 193 16.92 11.06 -1.66
CA GLY A 193 16.53 12.42 -1.35
C GLY A 193 15.66 12.84 -2.52
N VAL A 194 14.83 13.84 -2.35
CA VAL A 194 13.98 14.26 -3.44
C VAL A 194 14.05 15.75 -3.72
N ILE A 195 13.45 16.15 -4.83
CA ILE A 195 13.39 17.55 -5.19
C ILE A 195 11.95 17.91 -5.48
N ILE A 196 11.42 18.87 -4.73
CA ILE A 196 10.06 19.33 -4.95
C ILE A 196 10.19 20.57 -5.84
N LYS A 197 9.68 20.46 -7.05
CA LYS A 197 9.75 21.57 -7.99
C LYS A 197 8.86 22.71 -7.54
N GLY A 198 9.40 23.92 -7.59
CA GLY A 198 8.64 25.09 -7.23
C GLY A 198 8.24 25.31 -5.77
N LEU A 199 8.74 24.49 -4.85
CA LEU A 199 8.38 24.71 -3.44
C LEU A 199 9.03 26.03 -2.99
N GLU A 200 8.27 26.89 -2.32
CA GLU A 200 8.78 28.18 -1.85
C GLU A 200 9.50 28.15 -0.50
N GLU A 201 10.65 28.80 -0.46
CA GLU A 201 11.43 28.92 0.76
C GLU A 201 11.36 30.39 1.13
N ILE A 202 10.58 30.74 2.14
CA ILE A 202 10.45 32.14 2.55
C ILE A 202 11.49 32.47 3.61
N THR A 203 12.36 33.42 3.32
CA THR A 203 13.38 33.83 4.28
C THR A 203 12.75 34.67 5.39
N VAL A 204 13.11 34.38 6.64
CA VAL A 204 12.59 35.15 7.76
C VAL A 204 13.71 36.04 8.25
N HIS A 205 13.58 37.34 7.99
CA HIS A 205 14.60 38.32 8.36
C HIS A 205 14.69 38.65 9.85
N ASN A 206 13.61 38.45 10.57
CA ASN A 206 13.62 38.70 12.00
C ASN A 206 12.39 38.16 12.71
N LYS A 207 12.49 38.10 14.04
CA LYS A 207 11.42 37.60 14.86
C LYS A 207 10.11 38.27 14.49
N ASP A 208 10.14 39.59 14.29
CA ASP A 208 8.94 40.35 13.94
C ASP A 208 8.43 40.15 12.50
N GLU A 209 8.77 39.03 11.89
CA GLU A 209 8.34 38.74 10.54
C GLU A 209 7.66 37.36 10.52
N VAL A 210 7.82 36.64 11.61
CA VAL A 210 7.27 35.30 11.75
C VAL A 210 5.73 35.21 11.73
N TYR A 211 5.09 35.87 12.69
CA TYR A 211 3.64 35.80 12.78
C TYR A 211 2.91 35.96 11.45
N GLN A 212 3.19 37.02 10.70
CA GLN A 212 2.50 37.23 9.42
C GLN A 212 2.67 36.07 8.45
N ILE A 213 3.88 35.50 8.43
CA ILE A 213 4.17 34.38 7.55
C ILE A 213 3.30 33.22 8.01
N LEU A 214 3.15 33.06 9.32
CA LEU A 214 2.33 32.00 9.86
C LEU A 214 0.87 32.32 9.57
N GLU A 215 0.51 33.60 9.60
CA GLU A 215 -0.87 34.00 9.30
C GLU A 215 -1.17 33.66 7.83
N LYS A 216 -0.18 33.88 6.97
CA LYS A 216 -0.31 33.61 5.54
C LYS A 216 -0.71 32.14 5.32
N GLY A 217 0.08 31.24 5.88
CA GLY A 217 -0.20 29.81 5.76
C GLY A 217 -1.58 29.48 6.30
N ALA A 218 -1.92 30.05 7.45
CA ALA A 218 -3.22 29.79 8.04
C ALA A 218 -4.33 30.07 7.01
N ALA A 219 -4.32 31.29 6.46
CA ALA A 219 -5.33 31.68 5.47
C ALA A 219 -5.38 30.77 4.23
N LYS A 220 -4.21 30.33 3.73
CA LYS A 220 -4.20 29.43 2.57
C LYS A 220 -4.77 28.07 2.98
N ARG A 221 -4.49 27.70 4.23
CA ARG A 221 -4.93 26.45 4.80
C ARG A 221 -6.47 26.45 4.83
N THR A 222 -7.03 27.64 4.97
CA THR A 222 -8.49 27.79 4.98
C THR A 222 -9.10 27.53 3.60
N THR A 223 -8.44 28.00 2.55
CA THR A 223 -8.92 27.79 1.19
C THR A 223 -8.68 26.32 0.83
N ALA A 224 -7.61 25.72 1.33
CA ALA A 224 -7.35 24.31 1.03
C ALA A 224 -8.50 23.46 1.57
N ALA A 225 -8.98 23.82 2.76
CA ALA A 225 -10.07 23.11 3.43
C ALA A 225 -11.41 23.24 2.70
N THR A 226 -11.68 24.39 2.10
CA THR A 226 -12.95 24.54 1.40
C THR A 226 -12.87 23.70 0.14
N LEU A 227 -11.66 23.59 -0.40
CA LEU A 227 -11.42 22.85 -1.64
C LEU A 227 -11.25 21.33 -1.46
N MET A 228 -10.61 20.90 -0.39
CA MET A 228 -10.44 19.46 -0.17
C MET A 228 -11.16 19.00 1.09
N ASN A 229 -11.92 17.92 0.97
CA ASN A 229 -12.72 17.36 2.06
C ASN A 229 -11.93 16.90 3.28
N ALA A 230 -12.34 17.36 4.45
CA ALA A 230 -11.67 16.99 5.69
C ALA A 230 -10.18 17.22 5.54
N TYR A 231 -9.83 18.31 4.89
CA TYR A 231 -8.44 18.66 4.64
C TYR A 231 -7.56 18.66 5.89
N SER A 232 -8.08 19.22 6.99
CA SER A 232 -7.33 19.31 8.23
C SER A 232 -7.12 17.95 8.91
N SER A 233 -7.94 16.97 8.54
CA SER A 233 -7.83 15.64 9.14
C SER A 233 -7.07 14.67 8.27
N ARG A 234 -7.25 14.80 6.98
CA ARG A 234 -6.62 13.87 6.04
C ARG A 234 -5.28 14.29 5.46
N SER A 235 -4.77 15.43 5.87
CA SER A 235 -3.49 15.85 5.32
C SER A 235 -2.33 15.83 6.30
N HIS A 236 -1.13 15.73 5.72
CA HIS A 236 0.13 15.73 6.45
C HIS A 236 0.82 17.05 6.12
N SER A 237 1.23 17.78 7.15
CA SER A 237 1.91 19.06 6.92
C SER A 237 3.37 18.98 7.33
N VAL A 238 4.25 19.46 6.46
CA VAL A 238 5.66 19.47 6.78
C VAL A 238 6.20 20.89 6.81
N PHE A 239 6.35 21.43 8.02
CA PHE A 239 6.88 22.76 8.20
C PHE A 239 8.38 22.62 8.49
N SER A 240 9.19 23.11 7.56
CA SER A 240 10.64 23.03 7.71
C SER A 240 11.24 24.40 7.99
N VAL A 241 12.26 24.41 8.84
CA VAL A 241 12.97 25.62 9.18
C VAL A 241 14.45 25.34 9.01
N THR A 242 15.07 25.99 8.03
CA THR A 242 16.49 25.80 7.76
C THR A 242 17.30 26.99 8.28
N ILE A 243 18.42 26.70 8.94
CA ILE A 243 19.26 27.74 9.49
C ILE A 243 20.68 27.71 8.94
N HIS A 244 21.07 28.78 8.24
CA HIS A 244 22.43 28.87 7.71
C HIS A 244 23.23 29.70 8.71
N MET A 245 24.26 29.10 9.29
CA MET A 245 25.08 29.77 10.29
C MET A 245 26.56 29.93 9.97
N LYS A 246 27.08 31.08 10.36
CA LYS A 246 28.49 31.42 10.18
C LYS A 246 28.86 31.99 11.54
N GLU A 247 29.13 31.11 12.49
CA GLU A 247 29.48 31.52 13.84
C GLU A 247 30.93 31.96 13.91
N THR A 248 31.18 33.00 14.68
CA THR A 248 32.51 33.53 14.88
C THR A 248 32.76 33.61 16.38
N THR A 249 33.50 32.63 16.91
CA THR A 249 33.82 32.55 18.33
C THR A 249 34.44 33.84 18.85
N ILE A 250 34.45 34.00 20.17
CA ILE A 250 35.03 35.18 20.79
C ILE A 250 36.52 35.31 20.47
N ASP A 251 37.05 34.30 19.77
CA ASP A 251 38.46 34.26 19.38
C ASP A 251 38.67 34.76 17.96
N GLY A 252 37.99 34.14 17.02
CA GLY A 252 38.13 34.54 15.64
C GLY A 252 37.97 33.38 14.69
N GLU A 253 37.41 32.28 15.21
CA GLU A 253 37.17 31.10 14.39
C GLU A 253 35.83 31.35 13.74
N GLU A 254 35.46 30.50 12.79
CA GLU A 254 34.18 30.68 12.13
C GLU A 254 33.62 29.33 11.71
N LEU A 255 32.44 29.00 12.21
CA LEU A 255 31.81 27.72 11.88
C LEU A 255 30.69 27.93 10.90
N VAL A 256 30.73 27.23 9.78
CA VAL A 256 29.65 27.33 8.80
C VAL A 256 28.81 26.07 8.99
N LYS A 257 27.72 26.23 9.73
CA LYS A 257 26.81 25.15 10.02
C LYS A 257 25.49 25.32 9.29
N ILE A 258 24.88 24.20 8.93
CA ILE A 258 23.59 24.23 8.26
C ILE A 258 22.71 23.20 8.95
N GLY A 259 21.67 23.69 9.64
CA GLY A 259 20.76 22.79 10.33
C GLY A 259 19.35 22.84 9.79
N LYS A 260 18.69 21.69 9.78
CA LYS A 260 17.32 21.63 9.29
C LYS A 260 16.42 20.90 10.27
N LEU A 261 15.33 21.55 10.63
CA LEU A 261 14.34 20.99 11.53
C LEU A 261 13.01 20.86 10.77
N ASN A 262 12.43 19.67 10.80
CA ASN A 262 11.16 19.40 10.14
C ASN A 262 10.11 19.10 11.21
N LEU A 263 9.00 19.82 11.16
CA LEU A 263 7.94 19.61 12.12
C LEU A 263 6.74 19.06 11.38
N VAL A 264 6.44 17.79 11.62
CA VAL A 264 5.35 17.11 10.92
C VAL A 264 4.09 16.85 11.72
N ASP A 265 2.98 17.36 11.18
CA ASP A 265 1.68 17.19 11.79
C ASP A 265 1.00 16.15 10.90
N LEU A 266 1.14 14.87 11.25
CA LEU A 266 0.56 13.79 10.46
C LEU A 266 -0.95 13.83 10.41
N ALA A 267 -1.51 13.15 9.41
CA ALA A 267 -2.96 13.06 9.26
C ALA A 267 -3.48 12.16 10.39
N GLY A 268 -4.71 12.42 10.83
CA GLY A 268 -5.31 11.64 11.89
C GLY A 268 -5.22 10.14 11.65
N SER A 269 -4.68 9.43 12.64
CA SER A 269 -4.48 7.98 12.58
C SER A 269 -5.71 7.09 12.71
N GLU A 270 -6.85 7.68 13.06
CA GLU A 270 -8.07 6.90 13.24
C GLU A 270 -8.47 6.13 11.97
N ASN A 271 -9.28 5.09 12.16
CA ASN A 271 -9.74 4.27 11.04
C ASN A 271 -11.16 3.80 11.32
N ASN A 287 -11.48 7.90 2.07
CA ASN A 287 -10.90 6.72 1.45
C ASN A 287 -9.59 6.27 2.12
N ILE A 288 -8.56 6.08 1.31
CA ILE A 288 -7.27 5.63 1.82
C ILE A 288 -6.25 6.76 1.91
N ASN A 289 -5.32 6.61 2.85
CA ASN A 289 -4.26 7.59 3.02
C ASN A 289 -2.99 6.80 2.74
N GLN A 290 -2.54 6.84 1.50
CA GLN A 290 -1.37 6.11 1.07
C GLN A 290 -0.13 6.43 1.89
N SER A 291 0.10 7.72 2.18
CA SER A 291 1.26 8.10 2.98
C SER A 291 1.19 7.55 4.40
N LEU A 292 0.01 7.59 5.00
CA LEU A 292 -0.19 7.08 6.35
C LEU A 292 0.03 5.58 6.38
N LEU A 293 -0.56 4.88 5.40
CA LEU A 293 -0.45 3.44 5.28
C LEU A 293 1.03 3.04 5.10
N THR A 294 1.71 3.79 4.24
CA THR A 294 3.12 3.54 3.94
C THR A 294 4.01 3.81 5.15
N LEU A 295 3.71 4.87 5.90
CA LEU A 295 4.51 5.20 7.08
C LEU A 295 4.50 4.03 8.06
N GLY A 296 3.32 3.46 8.28
CA GLY A 296 3.19 2.33 9.19
C GLY A 296 4.00 1.14 8.72
N ARG A 297 3.95 0.88 7.41
CA ARG A 297 4.66 -0.22 6.83
C ARG A 297 6.17 0.00 6.79
N VAL A 298 6.62 1.25 6.87
CA VAL A 298 8.05 1.55 6.85
C VAL A 298 8.64 1.30 8.25
N ILE A 299 7.90 1.70 9.26
CA ILE A 299 8.29 1.51 10.66
C ILE A 299 8.38 0.01 10.90
N THR A 300 7.36 -0.71 10.45
CA THR A 300 7.32 -2.15 10.57
C THR A 300 8.60 -2.81 10.06
N ALA A 301 8.99 -2.49 8.82
CA ALA A 301 10.18 -3.06 8.23
C ALA A 301 11.47 -2.62 8.92
N LEU A 302 11.49 -1.41 9.47
CA LEU A 302 12.67 -0.91 10.16
C LEU A 302 12.87 -1.61 11.50
N VAL A 303 11.79 -1.83 12.24
CA VAL A 303 11.91 -2.49 13.55
C VAL A 303 12.00 -4.01 13.38
N GLU A 304 11.39 -4.54 12.31
CA GLU A 304 11.45 -5.98 12.06
C GLU A 304 12.76 -6.29 11.32
N ARG A 305 13.58 -5.27 11.15
CA ARG A 305 14.88 -5.40 10.48
C ARG A 305 14.80 -5.97 9.07
N THR A 306 13.65 -5.83 8.43
CA THR A 306 13.45 -6.33 7.07
C THR A 306 14.29 -5.53 6.08
N PRO A 307 15.00 -6.21 5.17
CA PRO A 307 15.85 -5.53 4.17
C PRO A 307 15.15 -4.46 3.34
N HIS A 308 14.06 -4.82 2.69
CA HIS A 308 13.33 -3.86 1.87
C HIS A 308 12.37 -2.95 2.65
N VAL A 309 12.72 -1.67 2.71
CA VAL A 309 11.89 -0.67 3.37
C VAL A 309 11.14 0.08 2.27
N PRO A 310 9.79 -0.01 2.27
CA PRO A 310 8.93 0.65 1.28
C PRO A 310 8.80 2.18 1.28
N TYR A 311 9.93 2.88 1.30
CA TYR A 311 9.92 4.35 1.28
C TYR A 311 9.15 4.87 0.07
N ARG A 312 9.61 4.48 -1.11
CA ARG A 312 9.01 4.90 -2.38
C ARG A 312 7.52 4.70 -2.57
N GLU A 313 6.88 3.91 -1.71
CA GLU A 313 5.45 3.67 -1.87
C GLU A 313 4.50 4.83 -1.51
N SER A 314 5.04 5.95 -1.06
CA SER A 314 4.22 7.14 -0.75
C SER A 314 5.05 8.43 -0.78
N LYS A 315 4.38 9.57 -0.95
CA LYS A 315 5.05 10.86 -1.02
C LYS A 315 5.70 11.24 0.30
N LEU A 316 4.98 11.01 1.40
CA LEU A 316 5.50 11.35 2.72
C LEU A 316 6.81 10.62 3.01
N THR A 317 6.81 9.30 2.87
CA THR A 317 8.01 8.51 3.17
C THR A 317 9.18 8.75 2.22
N ARG A 318 8.91 9.32 1.05
CA ARG A 318 10.01 9.60 0.13
C ARG A 318 10.58 10.95 0.54
N ILE A 319 9.72 11.84 0.98
CA ILE A 319 10.14 13.17 1.42
C ILE A 319 10.92 13.09 2.73
N LEU A 320 10.46 12.23 3.63
CA LEU A 320 11.07 12.11 4.94
C LEU A 320 11.87 10.85 5.24
N GLN A 321 12.25 10.10 4.20
CA GLN A 321 13.00 8.86 4.43
C GLN A 321 14.25 8.98 5.35
N ASP A 322 14.96 10.11 5.29
CA ASP A 322 16.14 10.26 6.14
C ASP A 322 15.73 10.46 7.60
N SER A 323 14.44 10.60 7.84
CA SER A 323 13.92 10.77 9.19
C SER A 323 13.51 9.39 9.74
N LEU A 324 13.50 8.39 8.85
CA LEU A 324 13.11 7.05 9.22
C LEU A 324 14.22 6.02 8.97
N GLY A 325 15.14 5.90 9.91
CA GLY A 325 16.24 4.96 9.76
C GLY A 325 17.40 5.59 9.00
N GLY A 326 17.44 6.92 8.99
CA GLY A 326 18.48 7.64 8.27
C GLY A 326 19.38 8.43 9.20
N ARG A 327 20.13 9.39 8.66
CA ARG A 327 21.05 10.15 9.48
C ARG A 327 20.43 11.35 10.20
N THR A 328 19.13 11.29 10.48
CA THR A 328 18.45 12.39 11.16
C THR A 328 17.94 12.03 12.55
N ARG A 329 18.07 12.95 13.50
CA ARG A 329 17.55 12.70 14.83
C ARG A 329 16.05 12.95 14.74
N THR A 330 15.25 11.94 15.09
CA THR A 330 13.81 12.12 15.01
C THR A 330 13.10 11.77 16.30
N SER A 331 12.01 12.49 16.56
CA SER A 331 11.23 12.26 17.74
C SER A 331 9.76 12.15 17.35
N ILE A 332 9.03 11.26 18.02
CA ILE A 332 7.62 11.10 17.75
C ILE A 332 6.86 11.48 19.01
N ILE A 333 5.85 12.35 18.85
CA ILE A 333 5.02 12.76 19.98
C ILE A 333 3.65 12.23 19.65
N ALA A 334 3.23 11.17 20.35
CA ALA A 334 1.91 10.58 20.13
C ALA A 334 0.90 11.24 21.09
N THR A 335 -0.17 11.79 20.53
CA THR A 335 -1.20 12.46 21.33
C THR A 335 -2.39 11.53 21.56
N ILE A 336 -2.84 11.47 22.81
CA ILE A 336 -3.96 10.61 23.16
C ILE A 336 -5.06 11.32 23.92
N SER A 337 -6.27 10.79 23.82
CA SER A 337 -7.43 11.34 24.50
C SER A 337 -7.67 10.56 25.80
N PRO A 338 -8.19 11.23 26.84
CA PRO A 338 -8.47 10.59 28.13
C PRO A 338 -9.85 9.93 28.15
N ALA A 339 -10.74 10.39 27.27
CA ALA A 339 -12.10 9.88 27.18
C ALA A 339 -12.13 8.39 26.88
N SER A 340 -12.99 7.68 27.61
CA SER A 340 -13.15 6.24 27.46
C SER A 340 -13.73 5.85 26.09
N LEU A 341 -14.33 6.81 25.40
CA LEU A 341 -14.92 6.56 24.09
C LEU A 341 -13.85 6.30 23.03
N ASN A 342 -12.65 6.78 23.27
CA ASN A 342 -11.54 6.61 22.32
C ASN A 342 -10.58 5.53 22.81
N LEU A 343 -11.09 4.59 23.59
CA LEU A 343 -10.24 3.55 24.11
C LEU A 343 -9.59 2.74 22.99
N GLU A 344 -10.39 2.29 22.03
CA GLU A 344 -9.84 1.50 20.95
C GLU A 344 -8.75 2.28 20.23
N GLU A 345 -9.04 3.52 19.87
CA GLU A 345 -8.06 4.36 19.18
C GLU A 345 -6.87 4.73 20.07
N THR A 346 -7.10 4.89 21.37
CA THR A 346 -6.00 5.24 22.26
C THR A 346 -5.01 4.09 22.29
N LEU A 347 -5.54 2.87 22.20
CA LEU A 347 -4.69 1.69 22.22
C LEU A 347 -3.87 1.56 20.94
N SER A 348 -4.50 1.79 19.78
CA SER A 348 -3.77 1.71 18.52
C SER A 348 -2.63 2.71 18.53
N THR A 349 -2.93 3.95 18.91
CA THR A 349 -1.90 4.96 18.96
C THR A 349 -0.71 4.57 19.86
N LEU A 350 -1.00 4.22 21.12
CA LEU A 350 0.04 3.81 22.05
C LEU A 350 0.83 2.66 21.47
N GLU A 351 0.14 1.60 21.07
CA GLU A 351 0.78 0.43 20.49
C GLU A 351 1.67 0.79 19.31
N TYR A 352 1.17 1.68 18.46
CA TYR A 352 1.87 2.13 17.27
C TYR A 352 3.14 2.88 17.65
N ALA A 353 3.04 3.75 18.66
CA ALA A 353 4.18 4.54 19.09
C ALA A 353 5.19 3.72 19.90
N HIS A 354 4.74 2.66 20.54
CA HIS A 354 5.66 1.84 21.33
C HIS A 354 6.58 1.04 20.41
N ARG A 355 6.05 0.62 19.26
CA ARG A 355 6.86 -0.13 18.30
C ARG A 355 7.92 0.77 17.67
N ALA A 356 7.59 2.04 17.48
CA ALA A 356 8.52 3.00 16.87
C ALA A 356 9.83 3.13 17.64
N LYS A 357 9.75 2.98 18.97
CA LYS A 357 10.92 3.07 19.83
C LYS A 357 12.10 2.22 19.34
N ASN A 358 11.80 1.03 18.81
CA ASN A 358 12.83 0.11 18.32
C ASN A 358 13.50 0.54 17.01
N ILE A 359 13.03 1.63 16.41
CA ILE A 359 13.64 2.09 15.16
C ILE A 359 14.99 2.73 15.48
N LEU A 360 15.98 2.45 14.64
CA LEU A 360 17.31 3.00 14.84
C LEU A 360 17.79 3.77 13.62
N ASN A 361 18.33 4.96 13.86
CA ASN A 361 18.86 5.77 12.77
C ASN A 361 20.07 6.56 13.22
N LYS A 362 20.89 6.96 12.24
CA LYS A 362 22.13 7.71 12.41
C LYS A 362 23.35 6.78 12.40
N ASN B 18 -8.82 -24.18 2.19
CA ASN B 18 -10.10 -24.29 1.43
C ASN B 18 -9.95 -23.91 -0.05
N ILE B 19 -9.14 -22.89 -0.31
CA ILE B 19 -8.88 -22.46 -1.69
C ILE B 19 -7.94 -23.49 -2.34
N GLN B 20 -8.08 -23.77 -3.63
CA GLN B 20 -7.20 -24.75 -4.28
C GLN B 20 -5.92 -24.10 -4.78
N VAL B 21 -4.77 -24.71 -4.48
CA VAL B 21 -3.47 -24.19 -4.90
C VAL B 21 -2.59 -25.32 -5.45
N VAL B 22 -2.21 -25.19 -6.72
CA VAL B 22 -1.37 -26.17 -7.38
C VAL B 22 -0.11 -25.46 -7.91
N VAL B 23 0.91 -26.26 -8.19
CA VAL B 23 2.19 -25.76 -8.67
C VAL B 23 2.56 -26.35 -10.04
N ARG B 24 3.04 -25.50 -10.95
CA ARG B 24 3.47 -25.96 -12.26
C ARG B 24 4.88 -25.48 -12.55
N CYS B 25 5.81 -26.42 -12.69
CA CYS B 25 7.20 -26.11 -12.98
C CYS B 25 7.36 -26.19 -14.48
N ARG B 26 7.98 -25.19 -15.07
CA ARG B 26 8.18 -25.18 -16.52
C ARG B 26 9.40 -26.03 -16.87
N PRO B 27 9.54 -26.39 -18.16
CA PRO B 27 10.67 -27.20 -18.60
C PRO B 27 11.81 -26.26 -19.06
N PHE B 28 13.02 -26.81 -19.14
CA PHE B 28 14.20 -26.06 -19.57
C PHE B 28 14.05 -25.62 -21.03
N ASN B 29 14.51 -24.43 -21.35
CA ASN B 29 14.42 -23.96 -22.73
C ASN B 29 15.56 -24.58 -23.56
N LEU B 30 15.53 -24.33 -24.87
CA LEU B 30 16.54 -24.86 -25.78
C LEU B 30 17.93 -24.32 -25.46
N ALA B 31 17.99 -23.10 -24.94
CA ALA B 31 19.28 -22.50 -24.59
C ALA B 31 19.84 -23.04 -23.27
N GLU B 32 18.94 -23.36 -22.34
CA GLU B 32 19.34 -23.88 -21.04
C GLU B 32 19.96 -25.28 -21.11
N ARG B 33 19.39 -26.13 -21.95
CA ARG B 33 19.90 -27.48 -22.12
C ARG B 33 21.30 -27.41 -22.73
N LYS B 34 21.59 -26.30 -23.41
CA LYS B 34 22.90 -26.09 -24.01
C LYS B 34 23.96 -26.24 -22.93
N ALA B 35 23.75 -25.50 -21.84
CA ALA B 35 24.67 -25.54 -20.70
C ALA B 35 24.33 -26.75 -19.84
N SER B 36 23.46 -27.61 -20.37
CA SER B 36 23.01 -28.82 -19.69
C SER B 36 22.70 -28.45 -18.23
N ALA B 37 21.57 -27.80 -18.04
CA ALA B 37 21.15 -27.35 -16.73
C ALA B 37 20.83 -28.47 -15.74
N HIS B 38 21.14 -28.20 -14.47
CA HIS B 38 20.92 -29.11 -13.36
C HIS B 38 19.66 -28.68 -12.59
N SER B 39 18.54 -29.33 -12.87
CA SER B 39 17.27 -28.98 -12.21
C SER B 39 17.31 -29.04 -10.68
N ILE B 40 16.83 -27.98 -10.04
CA ILE B 40 16.81 -27.91 -8.58
C ILE B 40 15.43 -28.22 -8.00
N VAL B 41 14.48 -28.58 -8.86
CA VAL B 41 13.13 -28.90 -8.41
C VAL B 41 12.67 -30.32 -8.75
N GLU B 42 12.09 -30.98 -7.75
CA GLU B 42 11.57 -32.33 -7.92
C GLU B 42 10.09 -32.34 -7.55
N CYS B 43 9.24 -32.65 -8.52
CA CYS B 43 7.81 -32.69 -8.26
C CYS B 43 7.32 -34.12 -8.02
N ASP B 44 6.52 -34.29 -6.98
CA ASP B 44 5.97 -35.61 -6.64
C ASP B 44 4.45 -35.60 -6.68
N PRO B 45 3.88 -35.86 -7.87
CA PRO B 45 2.42 -35.86 -8.05
C PRO B 45 1.69 -36.71 -7.02
N VAL B 46 2.02 -37.99 -6.97
CA VAL B 46 1.37 -38.90 -6.03
C VAL B 46 1.33 -38.30 -4.63
N ARG B 47 2.47 -37.81 -4.17
CA ARG B 47 2.58 -37.21 -2.83
C ARG B 47 2.13 -35.75 -2.84
N LYS B 48 1.99 -35.19 -4.05
CA LYS B 48 1.59 -33.80 -4.23
C LYS B 48 2.55 -32.83 -3.55
N GLU B 49 3.84 -33.08 -3.71
CA GLU B 49 4.85 -32.21 -3.12
C GLU B 49 5.79 -31.71 -4.20
N VAL B 50 6.47 -30.62 -3.88
CA VAL B 50 7.44 -30.03 -4.77
C VAL B 50 8.65 -29.79 -3.88
N SER B 51 9.78 -30.42 -4.20
CA SER B 51 10.99 -30.26 -3.41
C SER B 51 12.02 -29.40 -4.13
N VAL B 52 12.58 -28.44 -3.39
CA VAL B 52 13.55 -27.50 -3.95
C VAL B 52 14.94 -27.62 -3.32
N ARG B 53 15.97 -27.65 -4.16
CA ARG B 53 17.33 -27.73 -3.66
C ARG B 53 17.82 -26.31 -3.38
N THR B 54 18.16 -26.06 -2.13
CA THR B 54 18.62 -24.74 -1.69
C THR B 54 20.13 -24.63 -1.52
N GLY B 55 20.86 -25.65 -1.98
CA GLY B 55 22.31 -25.63 -1.85
C GLY B 55 22.93 -26.99 -2.03
N GLY B 56 24.26 -27.06 -1.95
CA GLY B 56 24.96 -28.33 -2.12
C GLY B 56 24.53 -29.05 -3.39
N LEU B 57 24.99 -30.28 -3.59
CA LEU B 57 24.61 -31.05 -4.77
C LEU B 57 23.76 -32.28 -4.42
N ALA B 58 23.62 -33.18 -5.39
CA ALA B 58 22.84 -34.40 -5.18
C ALA B 58 23.48 -35.28 -4.11
N ASP B 59 24.82 -35.37 -4.18
CA ASP B 59 25.63 -36.16 -3.25
C ASP B 59 25.36 -35.83 -1.79
N LYS B 60 25.04 -34.57 -1.53
CA LYS B 60 24.78 -34.10 -0.19
C LYS B 60 24.22 -32.68 -0.35
N SER B 61 23.07 -32.40 0.28
CA SER B 61 22.48 -31.09 0.13
C SER B 61 21.31 -30.79 1.05
N SER B 62 20.91 -29.51 1.03
CA SER B 62 19.79 -29.04 1.82
C SER B 62 18.61 -28.91 0.86
N ARG B 63 17.39 -28.94 1.39
CA ARG B 63 16.21 -28.82 0.53
C ARG B 63 14.99 -28.34 1.30
N LYS B 64 14.06 -27.72 0.57
CA LYS B 64 12.82 -27.21 1.15
C LYS B 64 11.70 -27.90 0.37
N THR B 65 10.73 -28.46 1.08
CA THR B 65 9.62 -29.15 0.41
C THR B 65 8.25 -28.64 0.87
N TYR B 66 7.29 -28.59 -0.06
CA TYR B 66 5.94 -28.13 0.29
C TYR B 66 4.85 -28.98 -0.35
N THR B 67 3.75 -29.12 0.38
CA THR B 67 2.60 -29.89 -0.11
C THR B 67 1.55 -28.92 -0.63
N PHE B 68 0.98 -29.26 -1.79
CA PHE B 68 -0.07 -28.47 -2.40
C PHE B 68 -1.15 -29.42 -2.87
N ASP B 69 -2.32 -28.87 -3.18
CA ASP B 69 -3.44 -29.67 -3.63
C ASP B 69 -3.13 -30.56 -4.84
N MET B 70 -2.17 -30.12 -5.66
CA MET B 70 -1.74 -30.87 -6.85
C MET B 70 -0.42 -30.26 -7.30
N VAL B 71 0.44 -31.07 -7.90
CA VAL B 71 1.70 -30.58 -8.40
C VAL B 71 1.94 -31.16 -9.78
N PHE B 72 2.48 -30.33 -10.66
CA PHE B 72 2.76 -30.69 -12.04
C PHE B 72 4.20 -30.32 -12.40
N GLY B 73 4.96 -31.30 -12.88
CA GLY B 73 6.33 -31.06 -13.27
C GLY B 73 6.45 -30.59 -14.72
N ALA B 74 7.68 -30.43 -15.17
CA ALA B 74 7.94 -29.96 -16.53
C ALA B 74 7.44 -30.92 -17.60
N SER B 75 7.05 -32.11 -17.21
CA SER B 75 6.56 -33.10 -18.16
C SER B 75 5.07 -32.98 -18.44
N THR B 76 4.37 -32.23 -17.60
CA THR B 76 2.93 -32.04 -17.75
C THR B 76 2.55 -31.26 -19.01
N LYS B 77 1.60 -31.78 -19.78
CA LYS B 77 1.13 -31.11 -20.98
C LYS B 77 -0.09 -30.25 -20.67
N GLN B 78 -0.47 -29.38 -21.61
CA GLN B 78 -1.60 -28.49 -21.43
C GLN B 78 -2.87 -29.27 -21.10
N ILE B 79 -3.14 -30.27 -21.93
CA ILE B 79 -4.31 -31.12 -21.80
C ILE B 79 -4.45 -31.73 -20.38
N ASP B 80 -3.32 -32.02 -19.73
CA ASP B 80 -3.36 -32.59 -18.38
C ASP B 80 -3.72 -31.54 -17.35
N VAL B 81 -3.27 -30.31 -17.58
CA VAL B 81 -3.57 -29.22 -16.66
C VAL B 81 -5.05 -28.96 -16.74
N TYR B 82 -5.58 -28.96 -17.96
CA TYR B 82 -6.98 -28.70 -18.19
C TYR B 82 -7.88 -29.76 -17.58
N ARG B 83 -7.61 -31.02 -17.89
CA ARG B 83 -8.40 -32.13 -17.38
C ARG B 83 -8.42 -32.23 -15.84
N SER B 84 -7.30 -31.91 -15.20
CA SER B 84 -7.18 -31.99 -13.74
C SER B 84 -7.70 -30.78 -12.99
N VAL B 85 -7.28 -29.60 -13.41
CA VAL B 85 -7.72 -28.39 -12.75
C VAL B 85 -8.94 -27.70 -13.34
N VAL B 86 -8.89 -27.37 -14.63
CA VAL B 86 -9.98 -26.64 -15.27
C VAL B 86 -11.30 -27.37 -15.52
N CYS B 87 -11.24 -28.62 -15.96
CA CYS B 87 -12.45 -29.39 -16.25
C CYS B 87 -13.45 -29.40 -15.08
N PRO B 88 -12.96 -29.66 -13.85
CA PRO B 88 -13.82 -29.69 -12.65
C PRO B 88 -14.41 -28.31 -12.32
N ILE B 89 -13.62 -27.27 -12.56
CA ILE B 89 -14.05 -25.90 -12.30
C ILE B 89 -15.09 -25.47 -13.31
N LEU B 90 -14.90 -25.85 -14.56
CA LEU B 90 -15.84 -25.49 -15.60
C LEU B 90 -17.20 -26.13 -15.32
N ASP B 91 -17.20 -27.32 -14.76
CA ASP B 91 -18.46 -27.98 -14.44
C ASP B 91 -19.19 -27.25 -13.33
N GLU B 92 -18.47 -26.54 -12.47
CA GLU B 92 -19.14 -25.78 -11.42
C GLU B 92 -19.72 -24.49 -12.00
N VAL B 93 -19.01 -23.91 -12.98
CA VAL B 93 -19.46 -22.69 -13.63
C VAL B 93 -20.80 -22.99 -14.31
N ILE B 94 -20.90 -24.16 -14.93
CA ILE B 94 -22.12 -24.54 -15.62
C ILE B 94 -23.29 -24.80 -14.65
N MET B 95 -22.99 -25.03 -13.38
CA MET B 95 -24.05 -25.23 -12.40
C MET B 95 -24.50 -23.88 -11.85
N GLY B 96 -23.84 -22.80 -12.26
CA GLY B 96 -24.25 -21.48 -11.81
C GLY B 96 -23.36 -20.80 -10.78
N TYR B 97 -22.15 -21.33 -10.60
CA TYR B 97 -21.20 -20.78 -9.64
C TYR B 97 -20.23 -19.82 -10.32
N ASN B 98 -19.60 -18.96 -9.54
CA ASN B 98 -18.60 -18.05 -10.06
C ASN B 98 -17.26 -18.73 -9.77
N CYS B 99 -16.37 -18.76 -10.74
CA CYS B 99 -15.08 -19.37 -10.49
C CYS B 99 -13.96 -18.46 -10.97
N THR B 100 -12.81 -18.62 -10.35
CA THR B 100 -11.65 -17.83 -10.68
C THR B 100 -10.38 -18.68 -10.57
N ILE B 101 -9.48 -18.50 -11.52
CA ILE B 101 -8.22 -19.22 -11.55
C ILE B 101 -7.13 -18.19 -11.78
N PHE B 102 -6.23 -18.07 -10.81
CA PHE B 102 -5.10 -17.15 -10.89
C PHE B 102 -3.84 -17.88 -11.33
N ALA B 103 -2.94 -17.18 -11.99
CA ALA B 103 -1.66 -17.73 -12.39
C ALA B 103 -0.66 -16.82 -11.66
N TYR B 104 0.09 -17.38 -10.71
CA TYR B 104 1.06 -16.60 -9.95
C TYR B 104 2.48 -17.10 -10.10
N GLY B 105 3.42 -16.17 -10.25
CA GLY B 105 4.81 -16.56 -10.39
C GLY B 105 5.65 -15.53 -11.10
N GLN B 106 6.96 -15.81 -11.10
CA GLN B 106 7.97 -14.96 -11.70
C GLN B 106 7.89 -14.95 -13.22
N THR B 107 8.20 -13.79 -13.81
CA THR B 107 8.20 -13.61 -15.26
C THR B 107 9.05 -14.72 -15.88
N GLY B 108 8.53 -15.37 -16.91
CA GLY B 108 9.27 -16.44 -17.55
C GLY B 108 9.06 -17.83 -16.97
N THR B 109 8.05 -18.02 -16.14
CA THR B 109 7.80 -19.34 -15.55
C THR B 109 6.59 -20.05 -16.12
N GLY B 110 5.90 -19.41 -17.08
CA GLY B 110 4.75 -20.04 -17.68
C GLY B 110 3.35 -19.57 -17.28
N LYS B 111 3.22 -18.38 -16.73
CA LYS B 111 1.88 -17.89 -16.37
C LYS B 111 1.01 -17.79 -17.62
N THR B 112 1.54 -17.13 -18.64
CA THR B 112 0.82 -16.95 -19.89
C THR B 112 0.69 -18.23 -20.72
N PHE B 113 1.69 -19.09 -20.61
CA PHE B 113 1.70 -20.34 -21.34
C PHE B 113 0.57 -21.22 -20.82
N THR B 114 0.39 -21.22 -19.49
CA THR B 114 -0.64 -22.01 -18.88
C THR B 114 -2.00 -21.39 -19.13
N MET B 115 -2.12 -20.10 -18.86
CA MET B 115 -3.40 -19.44 -19.04
C MET B 115 -3.87 -19.27 -20.48
N GLU B 116 -2.95 -19.04 -21.39
CA GLU B 116 -3.32 -18.83 -22.80
C GLU B 116 -2.80 -19.91 -23.74
N GLY B 117 -1.49 -20.16 -23.66
CA GLY B 117 -0.87 -21.13 -24.53
C GLY B 117 -0.28 -20.47 -25.76
N GLU B 118 0.37 -21.27 -26.60
CA GLU B 118 1.00 -20.77 -27.80
C GLU B 118 0.57 -21.67 -28.97
N ARG B 119 1.06 -21.37 -30.16
CA ARG B 119 0.72 -22.19 -31.30
C ARG B 119 1.83 -23.17 -31.59
N SER B 120 1.45 -24.38 -31.98
CA SER B 120 2.44 -25.38 -32.34
C SER B 120 2.96 -24.83 -33.66
N PRO B 121 4.27 -24.72 -33.79
CA PRO B 121 4.91 -24.19 -35.00
C PRO B 121 4.53 -24.80 -36.35
N ASN B 122 4.72 -24.01 -37.40
CA ASN B 122 4.49 -24.42 -38.80
C ASN B 122 3.05 -24.80 -39.21
N GLU B 123 2.06 -24.15 -38.62
CA GLU B 123 0.67 -24.44 -38.95
C GLU B 123 0.41 -25.94 -39.00
N GLU B 124 0.87 -26.63 -37.96
CA GLU B 124 0.73 -28.07 -37.84
C GLU B 124 -0.68 -28.46 -37.40
N TYR B 125 -1.36 -27.59 -36.66
CA TYR B 125 -2.72 -27.89 -36.20
C TYR B 125 -3.70 -26.73 -36.34
N THR B 126 -4.99 -27.04 -36.22
CA THR B 126 -6.00 -26.00 -36.23
C THR B 126 -5.99 -25.59 -34.77
N TRP B 127 -6.51 -24.41 -34.47
CA TRP B 127 -6.48 -23.94 -33.11
C TRP B 127 -7.13 -24.87 -32.09
N GLU B 128 -8.26 -25.49 -32.45
CA GLU B 128 -8.96 -26.37 -31.52
C GLU B 128 -8.32 -27.73 -31.25
N GLU B 129 -7.16 -28.00 -31.86
CA GLU B 129 -6.47 -29.26 -31.67
C GLU B 129 -5.03 -29.04 -31.25
N ASP B 130 -4.61 -27.79 -31.19
CA ASP B 130 -3.22 -27.49 -30.83
C ASP B 130 -2.97 -27.92 -29.38
N PRO B 131 -2.03 -28.85 -29.17
CA PRO B 131 -1.70 -29.33 -27.83
C PRO B 131 -0.97 -28.32 -26.94
N LEU B 132 -0.54 -27.21 -27.51
CA LEU B 132 0.13 -26.16 -26.73
C LEU B 132 -0.91 -25.10 -26.32
N ALA B 133 -2.18 -25.37 -26.61
CA ALA B 133 -3.26 -24.45 -26.24
C ALA B 133 -3.44 -24.42 -24.71
N GLY B 134 -3.75 -23.24 -24.19
CA GLY B 134 -3.90 -23.07 -22.76
C GLY B 134 -5.34 -23.18 -22.30
N ILE B 135 -5.54 -22.88 -21.02
CA ILE B 135 -6.85 -22.94 -20.37
C ILE B 135 -7.95 -22.20 -21.12
N ILE B 136 -7.67 -20.95 -21.51
CA ILE B 136 -8.67 -20.15 -22.21
C ILE B 136 -9.22 -20.79 -23.49
N PRO B 137 -8.40 -20.92 -24.54
CA PRO B 137 -8.97 -21.54 -25.73
C PRO B 137 -9.66 -22.89 -25.48
N ARG B 138 -9.05 -23.74 -24.65
CA ARG B 138 -9.67 -25.02 -24.36
C ARG B 138 -11.03 -24.86 -23.67
N THR B 139 -11.10 -23.99 -22.68
CA THR B 139 -12.35 -23.78 -21.96
C THR B 139 -13.46 -23.33 -22.89
N LEU B 140 -13.17 -22.34 -23.72
CA LEU B 140 -14.16 -21.82 -24.65
C LEU B 140 -14.66 -22.95 -25.53
N HIS B 141 -13.73 -23.64 -26.18
CA HIS B 141 -14.08 -24.75 -27.04
C HIS B 141 -14.98 -25.75 -26.30
N GLN B 142 -14.58 -26.10 -25.07
CA GLN B 142 -15.32 -27.07 -24.27
C GLN B 142 -16.74 -26.70 -23.86
N ILE B 143 -16.95 -25.44 -23.50
CA ILE B 143 -18.28 -24.98 -23.10
C ILE B 143 -19.32 -25.29 -24.18
N PHE B 144 -18.90 -25.20 -25.45
CA PHE B 144 -19.79 -25.47 -26.57
C PHE B 144 -20.07 -26.94 -26.74
N GLU B 145 -19.08 -27.77 -26.36
CA GLU B 145 -19.22 -29.22 -26.44
C GLU B 145 -20.19 -29.71 -25.36
N LYS B 146 -19.93 -29.31 -24.13
CA LYS B 146 -20.76 -29.72 -23.00
C LYS B 146 -22.24 -29.33 -23.11
N LEU B 147 -22.52 -28.16 -23.68
CA LEU B 147 -23.91 -27.70 -23.81
C LEU B 147 -24.48 -27.87 -25.22
N THR B 148 -23.86 -28.72 -26.03
CA THR B 148 -24.32 -28.91 -27.40
C THR B 148 -25.82 -29.27 -27.49
N ASP B 149 -26.27 -30.23 -26.68
CA ASP B 149 -27.67 -30.63 -26.70
C ASP B 149 -28.18 -31.27 -25.42
N ASN B 150 -27.77 -30.71 -24.27
CA ASN B 150 -28.21 -31.22 -22.97
C ASN B 150 -29.54 -30.59 -22.57
N GLY B 151 -30.11 -29.80 -23.49
CA GLY B 151 -31.37 -29.15 -23.22
C GLY B 151 -31.25 -27.84 -22.46
N THR B 152 -30.03 -27.37 -22.29
CA THR B 152 -29.78 -26.12 -21.59
C THR B 152 -29.44 -25.01 -22.58
N GLU B 153 -30.39 -24.11 -22.80
CA GLU B 153 -30.23 -22.98 -23.71
C GLU B 153 -29.17 -22.07 -23.10
N PHE B 154 -28.28 -21.51 -23.93
CA PHE B 154 -27.21 -20.66 -23.41
C PHE B 154 -26.61 -19.61 -24.33
N SER B 155 -25.95 -18.62 -23.72
CA SER B 155 -25.27 -17.56 -24.47
C SER B 155 -23.93 -17.33 -23.77
N VAL B 156 -22.90 -17.09 -24.56
CA VAL B 156 -21.56 -16.85 -24.02
C VAL B 156 -21.05 -15.45 -24.33
N LYS B 157 -20.48 -14.80 -23.33
CA LYS B 157 -19.90 -13.46 -23.47
C LYS B 157 -18.51 -13.44 -22.84
N VAL B 158 -17.53 -12.86 -23.52
CA VAL B 158 -16.18 -12.80 -22.96
C VAL B 158 -15.77 -11.36 -22.70
N SER B 159 -14.68 -11.20 -21.95
CA SER B 159 -14.15 -9.88 -21.63
C SER B 159 -12.69 -9.95 -21.25
N LEU B 160 -11.93 -9.00 -21.76
CA LEU B 160 -10.52 -8.95 -21.46
C LEU B 160 -10.16 -7.61 -20.87
N LEU B 161 -10.17 -7.55 -19.54
CA LEU B 161 -9.87 -6.34 -18.79
C LEU B 161 -8.47 -6.50 -18.21
N GLU B 162 -7.59 -5.56 -18.53
CA GLU B 162 -6.23 -5.61 -18.03
C GLU B 162 -5.88 -4.38 -17.21
N ILE B 163 -5.03 -4.57 -16.21
CA ILE B 163 -4.63 -3.48 -15.34
C ILE B 163 -3.13 -3.27 -15.47
N TYR B 164 -2.76 -2.00 -15.68
CA TYR B 164 -1.37 -1.60 -15.83
C TYR B 164 -1.21 -0.24 -15.16
N ASN B 165 -0.29 -0.14 -14.21
CA ASN B 165 -0.04 1.11 -13.48
C ASN B 165 -1.37 1.65 -12.96
N GLU B 166 -2.13 0.77 -12.30
CA GLU B 166 -3.43 1.08 -11.73
C GLU B 166 -4.46 1.68 -12.67
N GLU B 167 -4.24 1.53 -13.98
CA GLU B 167 -5.18 2.03 -14.98
C GLU B 167 -5.81 0.84 -15.70
N LEU B 168 -7.09 0.95 -16.03
CA LEU B 168 -7.82 -0.14 -16.69
C LEU B 168 -7.86 -0.02 -18.21
N PHE B 169 -7.79 -1.16 -18.88
CA PHE B 169 -7.83 -1.21 -20.33
C PHE B 169 -8.71 -2.34 -20.81
N ASP B 170 -9.21 -2.18 -22.03
CA ASP B 170 -10.08 -3.15 -22.68
C ASP B 170 -9.27 -3.63 -23.88
N LEU B 171 -8.82 -4.88 -23.84
CA LEU B 171 -8.04 -5.41 -24.93
C LEU B 171 -8.90 -6.20 -25.92
N LEU B 172 -10.20 -5.92 -25.91
CA LEU B 172 -11.12 -6.59 -26.84
C LEU B 172 -12.02 -5.62 -27.59
N ASN B 173 -12.02 -4.37 -27.18
CA ASN B 173 -12.83 -3.37 -27.86
C ASN B 173 -12.13 -2.95 -29.16
N PRO B 174 -12.66 -3.39 -30.31
CA PRO B 174 -12.07 -3.06 -31.63
C PRO B 174 -12.39 -1.64 -32.09
N SER B 175 -13.23 -0.95 -31.33
CA SER B 175 -13.61 0.42 -31.67
C SER B 175 -12.61 1.45 -31.17
N SER B 176 -12.14 1.29 -29.94
CA SER B 176 -11.16 2.22 -29.37
C SER B 176 -9.78 1.58 -29.40
N ASP B 177 -8.81 2.25 -28.76
CA ASP B 177 -7.45 1.73 -28.71
C ASP B 177 -7.01 1.55 -27.25
N VAL B 178 -5.92 0.81 -27.08
CA VAL B 178 -5.39 0.51 -25.75
C VAL B 178 -4.86 1.72 -24.99
N SER B 179 -5.22 2.92 -25.41
CA SER B 179 -4.75 4.10 -24.70
C SER B 179 -5.89 4.74 -23.92
N GLU B 180 -7.11 4.25 -24.13
CA GLU B 180 -8.26 4.79 -23.42
C GLU B 180 -8.57 3.98 -22.16
N ARG B 181 -8.30 4.60 -21.02
CA ARG B 181 -8.47 3.98 -19.71
C ARG B 181 -9.89 4.01 -19.15
N LEU B 182 -10.51 2.85 -19.03
CA LEU B 182 -11.86 2.76 -18.51
C LEU B 182 -11.96 3.30 -17.08
N GLN B 183 -13.17 3.65 -16.67
CA GLN B 183 -13.42 4.18 -15.33
C GLN B 183 -14.10 3.12 -14.47
N MET B 184 -13.80 3.12 -13.19
CA MET B 184 -14.36 2.14 -12.26
C MET B 184 -15.23 2.82 -11.19
N PHE B 185 -16.31 2.15 -10.78
CA PHE B 185 -17.20 2.68 -9.74
C PHE B 185 -17.78 1.54 -8.91
N ASP B 186 -18.17 1.83 -7.68
CA ASP B 186 -18.78 0.82 -6.83
C ASP B 186 -20.13 0.50 -7.44
N ASP B 187 -20.67 -0.66 -7.12
CA ASP B 187 -21.98 -1.01 -7.67
C ASP B 187 -23.01 -0.85 -6.57
N PRO B 188 -23.86 0.18 -6.68
CA PRO B 188 -24.91 0.48 -5.69
C PRO B 188 -25.66 -0.77 -5.23
N ARG B 189 -26.05 -1.59 -6.21
CA ARG B 189 -26.78 -2.81 -5.94
C ARG B 189 -26.14 -3.71 -4.87
N ASN B 190 -24.82 -3.62 -4.72
CA ASN B 190 -24.11 -4.42 -3.72
C ASN B 190 -22.61 -4.11 -3.68
N LYS B 191 -22.22 -3.20 -2.79
CA LYS B 191 -20.83 -2.76 -2.63
C LYS B 191 -19.75 -3.83 -2.82
N ARG B 192 -20.11 -5.10 -2.64
CA ARG B 192 -19.17 -6.20 -2.81
C ARG B 192 -18.67 -6.25 -4.25
N GLY B 193 -19.43 -5.62 -5.14
CA GLY B 193 -19.08 -5.60 -6.56
C GLY B 193 -18.61 -4.25 -7.08
N VAL B 194 -18.41 -4.19 -8.39
CA VAL B 194 -17.93 -2.97 -9.03
C VAL B 194 -18.47 -2.86 -10.46
N ILE B 195 -18.44 -1.67 -11.03
CA ILE B 195 -18.92 -1.45 -12.39
C ILE B 195 -17.81 -0.82 -13.25
N ILE B 196 -17.36 -1.53 -14.28
CA ILE B 196 -16.34 -1.00 -15.17
C ILE B 196 -17.06 -0.44 -16.39
N LYS B 197 -17.12 0.89 -16.45
CA LYS B 197 -17.78 1.60 -17.53
C LYS B 197 -16.99 1.53 -18.83
N GLY B 198 -17.65 1.08 -19.90
CA GLY B 198 -17.00 1.01 -21.19
C GLY B 198 -16.44 -0.33 -21.63
N LEU B 199 -16.28 -1.26 -20.69
CA LEU B 199 -15.75 -2.57 -21.01
C LEU B 199 -16.72 -3.36 -21.92
N GLU B 200 -16.26 -3.71 -23.12
CA GLU B 200 -17.08 -4.45 -24.06
C GLU B 200 -17.20 -5.93 -23.68
N GLU B 201 -18.35 -6.50 -24.01
CA GLU B 201 -18.60 -7.92 -23.75
C GLU B 201 -18.92 -8.49 -25.13
N ILE B 202 -18.04 -9.32 -25.66
CA ILE B 202 -18.28 -9.92 -26.98
C ILE B 202 -18.96 -11.27 -26.90
N THR B 203 -20.15 -11.34 -27.48
CA THR B 203 -20.93 -12.57 -27.50
C THR B 203 -20.23 -13.56 -28.43
N VAL B 204 -20.12 -14.82 -27.98
CA VAL B 204 -19.50 -15.87 -28.77
C VAL B 204 -20.65 -16.79 -29.16
N HIS B 205 -21.06 -16.70 -30.42
CA HIS B 205 -22.18 -17.45 -30.97
C HIS B 205 -21.94 -18.93 -31.21
N ASN B 206 -20.68 -19.29 -31.43
CA ASN B 206 -20.31 -20.67 -31.66
C ASN B 206 -18.83 -20.85 -31.37
N LYS B 207 -18.33 -22.07 -31.49
CA LYS B 207 -16.92 -22.31 -31.22
C LYS B 207 -16.07 -21.70 -32.31
N ASP B 208 -16.69 -21.47 -33.47
CA ASP B 208 -15.98 -20.91 -34.59
C ASP B 208 -15.76 -19.40 -34.61
N GLU B 209 -16.08 -18.72 -33.52
CA GLU B 209 -15.85 -17.28 -33.45
C GLU B 209 -14.74 -16.97 -32.45
N VAL B 210 -14.40 -17.94 -31.61
CA VAL B 210 -13.39 -17.70 -30.59
C VAL B 210 -11.96 -17.37 -31.06
N TYR B 211 -11.43 -18.10 -32.04
CA TYR B 211 -10.07 -17.79 -32.45
C TYR B 211 -9.92 -16.34 -32.89
N GLN B 212 -10.85 -15.87 -33.73
CA GLN B 212 -10.80 -14.50 -34.22
C GLN B 212 -10.88 -13.48 -33.09
N ILE B 213 -11.65 -13.80 -32.06
CA ILE B 213 -11.79 -12.90 -30.92
C ILE B 213 -10.47 -12.84 -30.16
N LEU B 214 -9.80 -13.99 -30.03
CA LEU B 214 -8.53 -14.06 -29.34
C LEU B 214 -7.47 -13.32 -30.16
N GLU B 215 -7.51 -13.46 -31.48
CA GLU B 215 -6.54 -12.76 -32.33
C GLU B 215 -6.62 -11.24 -32.13
N LYS B 216 -7.84 -10.72 -32.06
CA LYS B 216 -8.06 -9.30 -31.86
C LYS B 216 -7.41 -8.78 -30.57
N GLY B 217 -7.61 -9.50 -29.47
CA GLY B 217 -7.01 -9.10 -28.22
C GLY B 217 -5.50 -9.15 -28.37
N ALA B 218 -5.01 -10.24 -28.98
CA ALA B 218 -3.59 -10.42 -29.20
C ALA B 218 -3.03 -9.18 -29.92
N ALA B 219 -3.77 -8.67 -30.90
CA ALA B 219 -3.36 -7.49 -31.66
C ALA B 219 -3.24 -6.25 -30.79
N LYS B 220 -4.22 -6.03 -29.91
CA LYS B 220 -4.21 -4.89 -29.02
C LYS B 220 -3.01 -4.99 -28.05
N ARG B 221 -2.76 -6.20 -27.56
CA ARG B 221 -1.64 -6.46 -26.64
C ARG B 221 -0.38 -5.85 -27.26
N THR B 222 -0.15 -6.23 -28.51
CA THR B 222 1.00 -5.78 -29.27
C THR B 222 1.18 -4.27 -29.23
N THR B 223 0.12 -3.55 -29.54
CA THR B 223 0.18 -2.10 -29.53
C THR B 223 0.36 -1.62 -28.09
N ALA B 224 -0.35 -2.26 -27.15
CA ALA B 224 -0.24 -1.89 -25.74
C ALA B 224 1.22 -1.94 -25.33
N ALA B 225 1.89 -3.02 -25.71
CA ALA B 225 3.30 -3.21 -25.40
C ALA B 225 4.12 -2.09 -26.03
N THR B 226 3.68 -1.60 -27.19
CA THR B 226 4.40 -0.52 -27.88
C THR B 226 4.33 0.77 -27.05
N LEU B 227 3.17 1.05 -26.50
CA LEU B 227 2.95 2.25 -25.71
C LEU B 227 3.36 2.15 -24.24
N MET B 228 3.24 0.97 -23.64
CA MET B 228 3.58 0.87 -22.22
C MET B 228 4.76 -0.01 -21.86
N ASN B 229 5.70 0.58 -21.12
CA ASN B 229 6.91 -0.11 -20.68
C ASN B 229 6.65 -1.46 -20.04
N ALA B 230 7.32 -2.49 -20.57
CA ALA B 230 7.21 -3.85 -20.03
C ALA B 230 5.76 -4.25 -19.77
N TYR B 231 4.88 -3.88 -20.68
CA TYR B 231 3.46 -4.17 -20.53
C TYR B 231 3.06 -5.61 -20.23
N SER B 232 3.72 -6.59 -20.86
CA SER B 232 3.35 -7.98 -20.64
C SER B 232 3.77 -8.62 -19.32
N SER B 233 4.80 -8.11 -18.69
CA SER B 233 5.26 -8.70 -17.45
C SER B 233 4.75 -7.88 -16.29
N ARG B 234 4.40 -6.62 -16.59
CA ARG B 234 3.94 -5.71 -15.55
C ARG B 234 2.44 -5.51 -15.42
N SER B 235 1.64 -6.15 -16.27
CA SER B 235 0.19 -5.97 -16.19
C SER B 235 -0.56 -7.20 -15.74
N HIS B 236 -1.78 -6.96 -15.25
CA HIS B 236 -2.67 -8.03 -14.81
C HIS B 236 -3.78 -8.09 -15.86
N SER B 237 -4.13 -9.28 -16.30
CA SER B 237 -5.19 -9.42 -17.29
C SER B 237 -6.29 -10.31 -16.74
N VAL B 238 -7.53 -9.88 -16.90
CA VAL B 238 -8.66 -10.65 -16.40
C VAL B 238 -9.56 -11.01 -17.56
N PHE B 239 -9.43 -12.24 -18.06
CA PHE B 239 -10.26 -12.72 -19.16
C PHE B 239 -11.45 -13.47 -18.56
N SER B 240 -12.63 -12.87 -18.65
CA SER B 240 -13.84 -13.47 -18.10
C SER B 240 -14.73 -14.10 -19.15
N VAL B 241 -15.43 -15.15 -18.75
CA VAL B 241 -16.35 -15.86 -19.62
C VAL B 241 -17.62 -16.11 -18.84
N THR B 242 -18.70 -15.47 -19.25
CA THR B 242 -19.98 -15.62 -18.58
C THR B 242 -20.90 -16.53 -19.41
N ILE B 243 -21.72 -17.32 -18.73
CA ILE B 243 -22.64 -18.21 -19.43
C ILE B 243 -24.04 -18.09 -18.83
N HIS B 244 -24.97 -17.51 -19.58
CA HIS B 244 -26.36 -17.39 -19.12
C HIS B 244 -27.04 -18.65 -19.62
N MET B 245 -27.60 -19.42 -18.69
CA MET B 245 -28.26 -20.67 -19.06
C MET B 245 -29.75 -20.74 -18.75
N LYS B 246 -30.47 -21.42 -19.63
CA LYS B 246 -31.91 -21.57 -19.49
C LYS B 246 -32.32 -22.99 -19.83
N GLU B 247 -32.92 -23.66 -18.86
CA GLU B 247 -33.40 -25.02 -19.07
C GLU B 247 -34.88 -25.04 -18.70
N THR B 248 -35.65 -25.81 -19.44
CA THR B 248 -37.08 -25.90 -19.20
C THR B 248 -37.43 -27.28 -18.65
N THR B 249 -38.20 -27.31 -17.57
CA THR B 249 -38.61 -28.57 -16.97
C THR B 249 -39.70 -29.20 -17.84
N ILE B 250 -40.15 -30.40 -17.45
CA ILE B 250 -41.19 -31.11 -18.19
C ILE B 250 -42.55 -30.47 -17.91
N ASP B 251 -42.54 -29.46 -17.04
CA ASP B 251 -43.76 -28.72 -16.69
C ASP B 251 -43.79 -27.35 -17.36
N GLY B 252 -42.83 -27.08 -18.23
CA GLY B 252 -42.76 -25.81 -18.91
C GLY B 252 -42.05 -24.69 -18.18
N GLU B 253 -41.68 -24.92 -16.92
CA GLU B 253 -41.00 -23.90 -16.13
C GLU B 253 -39.53 -23.76 -16.56
N GLU B 254 -39.00 -22.54 -16.45
CA GLU B 254 -37.63 -22.29 -16.84
C GLU B 254 -36.72 -22.10 -15.63
N LEU B 255 -35.49 -22.61 -15.73
CA LEU B 255 -34.50 -22.51 -14.68
C LEU B 255 -33.30 -21.76 -15.27
N VAL B 256 -32.94 -20.64 -14.64
CA VAL B 256 -31.84 -19.83 -15.12
C VAL B 256 -30.56 -19.95 -14.31
N LYS B 257 -29.46 -20.21 -15.01
CA LYS B 257 -28.15 -20.34 -14.37
C LYS B 257 -27.23 -19.32 -15.00
N ILE B 258 -26.46 -18.64 -14.18
CA ILE B 258 -25.52 -17.67 -14.70
C ILE B 258 -24.18 -17.99 -14.04
N GLY B 259 -23.29 -18.58 -14.83
CA GLY B 259 -21.98 -18.90 -14.31
C GLY B 259 -20.90 -18.05 -14.94
N LYS B 260 -20.04 -17.48 -14.10
CA LYS B 260 -18.96 -16.63 -14.60
C LYS B 260 -17.62 -17.22 -14.15
N LEU B 261 -16.71 -17.31 -15.11
CA LEU B 261 -15.39 -17.83 -14.86
C LEU B 261 -14.35 -16.76 -15.20
N ASN B 262 -13.53 -16.40 -14.22
CA ASN B 262 -12.49 -15.41 -14.45
C ASN B 262 -11.13 -16.11 -14.51
N LEU B 263 -10.36 -15.80 -15.56
CA LEU B 263 -9.04 -16.36 -15.77
C LEU B 263 -8.06 -15.20 -15.70
N VAL B 264 -7.31 -15.13 -14.60
CA VAL B 264 -6.36 -14.04 -14.39
C VAL B 264 -4.89 -14.41 -14.55
N ASP B 265 -4.19 -13.64 -15.39
CA ASP B 265 -2.77 -13.82 -15.63
C ASP B 265 -2.12 -12.67 -14.86
N LEU B 266 -1.62 -12.95 -13.66
CA LEU B 266 -1.02 -11.89 -12.85
C LEU B 266 0.31 -11.39 -13.40
N ALA B 267 0.73 -10.25 -12.87
CA ALA B 267 2.00 -9.64 -13.24
C ALA B 267 3.08 -10.39 -12.47
N GLY B 268 4.25 -10.57 -13.10
CA GLY B 268 5.34 -11.27 -12.46
C GLY B 268 5.58 -10.85 -11.02
N SER B 269 5.74 -11.83 -10.14
CA SER B 269 5.96 -11.56 -8.72
C SER B 269 7.36 -11.14 -8.29
N GLU B 270 8.30 -11.08 -9.23
CA GLU B 270 9.68 -10.70 -8.90
C GLU B 270 9.84 -9.24 -8.46
N ASN B 271 10.13 -9.03 -7.17
CA ASN B 271 10.30 -7.69 -6.61
C ASN B 271 11.09 -7.66 -5.30
N ASN B 287 9.43 1.66 -9.51
CA ASN B 287 8.10 1.38 -10.03
C ASN B 287 7.46 0.22 -9.26
N ILE B 288 6.38 0.53 -8.56
CA ILE B 288 5.65 -0.43 -7.73
C ILE B 288 4.35 -0.90 -8.39
N ASN B 289 3.97 -2.15 -8.13
CA ASN B 289 2.73 -2.65 -8.68
C ASN B 289 1.75 -2.68 -7.52
N GLN B 290 0.99 -1.58 -7.39
CA GLN B 290 0.03 -1.46 -6.30
C GLN B 290 -0.91 -2.63 -6.17
N SER B 291 -1.40 -3.16 -7.29
CA SER B 291 -2.32 -4.30 -7.27
C SER B 291 -1.63 -5.57 -6.79
N LEU B 292 -0.39 -5.77 -7.21
CA LEU B 292 0.35 -6.96 -6.78
C LEU B 292 0.62 -6.83 -5.28
N LEU B 293 1.08 -5.65 -4.87
CA LEU B 293 1.36 -5.35 -3.47
C LEU B 293 0.10 -5.58 -2.62
N THR B 294 -1.04 -5.16 -3.15
CA THR B 294 -2.27 -5.32 -2.39
C THR B 294 -2.75 -6.75 -2.35
N LEU B 295 -2.51 -7.49 -3.44
CA LEU B 295 -2.93 -8.89 -3.47
C LEU B 295 -2.30 -9.61 -2.30
N GLY B 296 -1.00 -9.42 -2.12
CA GLY B 296 -0.30 -10.05 -1.00
C GLY B 296 -0.82 -9.61 0.35
N ARG B 297 -1.06 -8.31 0.51
CA ARG B 297 -1.56 -7.80 1.78
C ARG B 297 -2.98 -8.29 2.07
N VAL B 298 -3.72 -8.60 1.02
CA VAL B 298 -5.08 -9.10 1.20
C VAL B 298 -5.02 -10.56 1.63
N ILE B 299 -4.10 -11.31 1.04
CA ILE B 299 -3.94 -12.71 1.36
C ILE B 299 -3.50 -12.86 2.83
N THR B 300 -2.56 -12.02 3.23
CA THR B 300 -2.05 -12.03 4.59
C THR B 300 -3.18 -11.80 5.58
N ALA B 301 -3.92 -10.71 5.37
CA ALA B 301 -5.03 -10.38 6.24
C ALA B 301 -6.01 -11.54 6.35
N LEU B 302 -6.31 -12.17 5.21
CA LEU B 302 -7.24 -13.30 5.18
C LEU B 302 -6.69 -14.49 5.93
N VAL B 303 -5.46 -14.87 5.60
CA VAL B 303 -4.78 -15.99 6.21
C VAL B 303 -4.66 -15.81 7.73
N GLU B 304 -4.27 -14.61 8.16
CA GLU B 304 -4.12 -14.32 9.57
C GLU B 304 -5.43 -13.98 10.28
N ARG B 305 -6.52 -13.94 9.52
CA ARG B 305 -7.85 -13.65 10.07
C ARG B 305 -8.01 -12.28 10.71
N THR B 306 -7.25 -11.30 10.24
CA THR B 306 -7.35 -9.94 10.77
C THR B 306 -8.69 -9.36 10.31
N PRO B 307 -9.40 -8.65 11.20
CA PRO B 307 -10.70 -8.04 10.89
C PRO B 307 -10.79 -7.31 9.54
N HIS B 308 -9.86 -6.39 9.31
CA HIS B 308 -9.84 -5.59 8.09
C HIS B 308 -8.98 -6.17 6.95
N VAL B 309 -9.59 -6.29 5.77
CA VAL B 309 -8.90 -6.79 4.58
C VAL B 309 -8.86 -5.62 3.60
N PRO B 310 -7.65 -5.16 3.23
CA PRO B 310 -7.42 -4.03 2.32
C PRO B 310 -7.79 -4.17 0.84
N TYR B 311 -9.00 -4.63 0.57
CA TYR B 311 -9.49 -4.81 -0.81
C TYR B 311 -9.43 -3.54 -1.67
N ARG B 312 -9.90 -2.44 -1.09
CA ARG B 312 -9.98 -1.18 -1.79
C ARG B 312 -8.64 -0.50 -2.11
N GLU B 313 -7.54 -1.02 -1.59
CA GLU B 313 -6.25 -0.40 -1.86
C GLU B 313 -5.67 -0.65 -3.24
N SER B 314 -6.45 -1.27 -4.13
CA SER B 314 -6.00 -1.52 -5.49
C SER B 314 -7.17 -1.86 -6.41
N LYS B 315 -6.97 -1.66 -7.71
CA LYS B 315 -8.01 -1.94 -8.70
C LYS B 315 -8.22 -3.44 -8.84
N LEU B 316 -7.12 -4.20 -8.84
CA LEU B 316 -7.20 -5.64 -8.98
C LEU B 316 -8.00 -6.27 -7.84
N THR B 317 -7.68 -5.90 -6.60
CA THR B 317 -8.38 -6.47 -5.47
C THR B 317 -9.83 -6.01 -5.33
N ARG B 318 -10.16 -4.82 -5.83
CA ARG B 318 -11.54 -4.37 -5.76
C ARG B 318 -12.36 -5.15 -6.78
N ILE B 319 -11.79 -5.38 -7.95
CA ILE B 319 -12.48 -6.12 -8.99
C ILE B 319 -12.70 -7.60 -8.64
N LEU B 320 -11.70 -8.23 -8.04
CA LEU B 320 -11.75 -9.65 -7.71
C LEU B 320 -11.96 -10.04 -6.25
N GLN B 321 -12.44 -9.11 -5.42
CA GLN B 321 -12.65 -9.38 -4.00
C GLN B 321 -13.51 -10.61 -3.67
N ASP B 322 -14.50 -10.94 -4.49
CA ASP B 322 -15.31 -12.12 -4.19
C ASP B 322 -14.53 -13.40 -4.47
N SER B 323 -13.31 -13.24 -4.97
CA SER B 323 -12.45 -14.38 -5.27
C SER B 323 -11.45 -14.61 -4.13
N LEU B 324 -11.46 -13.74 -3.13
CA LEU B 324 -10.54 -13.85 -2.00
C LEU B 324 -11.28 -13.74 -0.67
N GLY B 325 -11.83 -14.85 -0.20
CA GLY B 325 -12.55 -14.87 1.06
C GLY B 325 -14.01 -14.52 0.81
N GLY B 326 -14.46 -14.78 -0.41
CA GLY B 326 -15.83 -14.47 -0.78
C GLY B 326 -16.62 -15.70 -1.13
N ARG B 327 -17.59 -15.58 -2.04
CA ARG B 327 -18.44 -16.71 -2.41
C ARG B 327 -18.04 -17.42 -3.70
N THR B 328 -16.92 -17.01 -4.29
CA THR B 328 -16.46 -17.61 -5.52
C THR B 328 -15.51 -18.78 -5.27
N ARG B 329 -15.56 -19.79 -6.13
CA ARG B 329 -14.65 -20.91 -6.02
C ARG B 329 -13.36 -20.40 -6.65
N THR B 330 -12.27 -20.45 -5.89
CA THR B 330 -10.99 -19.95 -6.37
C THR B 330 -9.88 -20.99 -6.36
N SER B 331 -9.05 -20.90 -7.38
CA SER B 331 -7.93 -21.80 -7.54
C SER B 331 -6.70 -21.01 -7.99
N ILE B 332 -5.55 -21.31 -7.41
CA ILE B 332 -4.33 -20.61 -7.77
C ILE B 332 -3.32 -21.58 -8.36
N ILE B 333 -2.72 -21.19 -9.48
CA ILE B 333 -1.70 -21.99 -10.13
C ILE B 333 -0.41 -21.21 -10.01
N ALA B 334 0.50 -21.69 -9.18
CA ALA B 334 1.79 -21.02 -8.99
C ALA B 334 2.81 -21.68 -9.91
N THR B 335 3.38 -20.88 -10.80
CA THR B 335 4.37 -21.38 -11.75
C THR B 335 5.80 -21.15 -11.27
N ILE B 336 6.67 -22.12 -11.52
CA ILE B 336 8.07 -22.01 -11.09
C ILE B 336 9.08 -22.42 -12.17
N SER B 337 10.33 -22.10 -11.91
CA SER B 337 11.44 -22.41 -12.81
C SER B 337 12.28 -23.57 -12.26
N PRO B 338 12.83 -24.41 -13.16
CA PRO B 338 13.66 -25.53 -12.69
C PRO B 338 15.12 -25.10 -12.54
N ALA B 339 15.44 -23.90 -13.01
CA ALA B 339 16.80 -23.37 -12.95
C ALA B 339 17.28 -22.89 -11.59
N SER B 340 18.50 -23.25 -11.22
CA SER B 340 19.07 -22.86 -9.94
C SER B 340 19.29 -21.34 -9.87
N LEU B 341 19.33 -20.70 -11.04
CA LEU B 341 19.51 -19.25 -11.14
C LEU B 341 18.29 -18.53 -10.59
N ASN B 342 17.13 -19.16 -10.70
CA ASN B 342 15.87 -18.59 -10.25
C ASN B 342 15.47 -19.13 -8.89
N LEU B 343 16.42 -19.75 -8.21
CA LEU B 343 16.17 -20.35 -6.89
C LEU B 343 15.49 -19.44 -5.88
N GLU B 344 15.99 -18.23 -5.68
CA GLU B 344 15.39 -17.33 -4.70
C GLU B 344 13.94 -16.92 -4.99
N GLU B 345 13.63 -16.62 -6.25
CA GLU B 345 12.27 -16.25 -6.59
C GLU B 345 11.39 -17.50 -6.61
N THR B 346 12.00 -18.65 -6.87
CA THR B 346 11.27 -19.93 -6.86
C THR B 346 10.80 -20.17 -5.42
N LEU B 347 11.62 -19.77 -4.46
CA LEU B 347 11.27 -19.92 -3.05
C LEU B 347 10.18 -18.92 -2.65
N SER B 348 10.26 -17.68 -3.14
CA SER B 348 9.22 -16.71 -2.81
C SER B 348 7.88 -17.24 -3.26
N THR B 349 7.82 -17.72 -4.50
CA THR B 349 6.58 -18.26 -5.05
C THR B 349 5.98 -19.39 -4.21
N LEU B 350 6.73 -20.48 -4.04
CA LEU B 350 6.28 -21.62 -3.24
C LEU B 350 5.76 -21.18 -1.88
N GLU B 351 6.49 -20.24 -1.28
CA GLU B 351 6.15 -19.69 0.02
C GLU B 351 4.84 -18.89 -0.01
N TYR B 352 4.71 -18.05 -1.02
CA TYR B 352 3.53 -17.22 -1.20
C TYR B 352 2.31 -18.08 -1.51
N ALA B 353 2.49 -19.12 -2.33
CA ALA B 353 1.37 -19.99 -2.68
C ALA B 353 0.92 -20.90 -1.53
N HIS B 354 1.87 -21.43 -0.75
CA HIS B 354 1.54 -22.32 0.35
C HIS B 354 0.74 -21.56 1.41
N ARG B 355 1.15 -20.32 1.64
CA ARG B 355 0.49 -19.47 2.60
C ARG B 355 -0.96 -19.26 2.13
N ALA B 356 -1.16 -19.13 0.82
CA ALA B 356 -2.49 -18.93 0.26
C ALA B 356 -3.46 -20.07 0.52
N LYS B 357 -2.92 -21.26 0.79
CA LYS B 357 -3.74 -22.44 1.06
C LYS B 357 -4.78 -22.22 2.17
N ASN B 358 -4.40 -21.43 3.17
CA ASN B 358 -5.27 -21.15 4.32
C ASN B 358 -6.44 -20.18 4.11
N ILE B 359 -6.63 -19.70 2.89
CA ILE B 359 -7.73 -18.79 2.63
C ILE B 359 -8.99 -19.61 2.52
N LEU B 360 -10.09 -19.10 3.07
CA LEU B 360 -11.36 -19.80 3.03
C LEU B 360 -12.40 -19.03 2.25
N ASN B 361 -13.05 -19.70 1.30
CA ASN B 361 -14.08 -19.08 0.47
C ASN B 361 -15.47 -19.63 0.73
N LYS B 362 -16.44 -19.00 0.07
CA LYS B 362 -17.87 -19.32 0.14
C LYS B 362 -18.38 -19.66 1.54
#